data_7E32
#
_entry.id   7E32
#
loop_
_entity.id
_entity.type
_entity.pdbx_description
1 polymer 'Guanine nucleotide-binding protein G(i) subunit alpha-1'
2 polymer 'Guanine nucleotide-binding protein G(I)/G(S)/G(T) subunit beta-1'
3 polymer scFv16
4 polymer 'Guanine nucleotide-binding protein G(I)/G(S)/G(O) subunit gamma-2'
5 polymer 'Soluble cytochrome b562,5-hydroxytryptamine receptor 1D'
6 non-polymer SEROTONIN
7 non-polymer CHOLESTEROL
#
loop_
_entity_poly.entity_id
_entity_poly.type
_entity_poly.pdbx_seq_one_letter_code
_entity_poly.pdbx_strand_id
1 'polypeptide(L)'
;MGCTLSAEDKAAVERSKMIDRNLREDGEKAAREVKLLLLGAGESGKNTIVKQMKIIHEAGYSEEECKQYKAVVYSNTIQS
IIAIIRAMGRLKIDFGDSARADDARQLFVLAGAAEEGFMTAELAGVIKRLWKDSGVQACFNRSREYQLNDSAAYYLNDLD
RIAQPNYIPTQQDVLRTRVKTTGIVETHFTFKDLHFKMFDVGAQRSERKKWIHCFEGVTAIIFCVALSDYDLVLAEDEEM
NRMHASMKLFDSICNNKWFTDTSIILFLNKKDLFEEKIKKSPLTICYPEYAGSNTYEEAAAYIQCQFEDLNKRKDTKEIY
THFTCSTDTKNVQFVFDAVTDVIIKNNLKDCGLF
;
A
2 'polypeptide(L)'
;MGSLLQSELDQLRQEAEQLKNQIRDARKACADATLSQITNNIDPVGRIQMRTRRTLRGHLAKIYAMHWGTDSRLLVSASQ
DGKLIIWDSYTTNKVHAIPLRSSWVMTCAYAPSGNYVACGGLDNICSIYNLKTREGNVRVSRELAGHTGYLSCCRFLDDN
QIVTSSGDTTCALWDIETGQQTTTFTGHTGDVMSLSLAPDTRLFVSGACDASAKLWDVREGMCRQTFTGHESDINAICFF
PNGNAFATGSDDATCRLFDLRADQELMTYSHDNIICGITSVSFSKSGRLLLAGYDDFNCNVWDALKADRAGVLAGHDNRV
SCLGVTDDGMAVATGSWDSFLKIWN
;
B
3 'polypeptide(L)'
;DVQLVESGGGLVQPGGSRKLSCSASGFAFSSFGMHWVRQAPEKGLEWVAYISSGSGTIYYADTVKGRFTISRDDPKNTLF
LQMTSLRSEDTAMYYCVRSIYYYGSSPFDFWGQGTTLTVSSGGGGSGGGGSGGGGSDIVMTQATSSVPVTPGESVSISCR
SSKSLLHSNGNTYLYWFLQRPGQSPQLLIYRMSNLASGVPDRFSGSGSGTAFTLTISRLEAEDVGVYYCMQHLEYPLTFG
AGTKLELK
;
E
4 'polypeptide(L)' MASNNTASIAQARKLVEQLKMEANIDRIKVSKAAADLMAYCEAHAKEDPLLTPVPASENPFREKKFFCAIL G
5 'polypeptide(L)'
;DYKDDDDAKLQTMHHHHHHHHHHADLEDNWETLNDNLKVIEKADNAAQVKDALTKMRAAALDAQKATPPKLEDKSPDSPE
MKDFRHGFDILVGQIDDALKLANEGKVKEAQAAAEQLKTTRNAYIQKYLASENLYFQGGTSPLNQSAEGLPQEASNRSLN
ATETSEAWDPRTLQALKISLAVVLSVITLATVLSNAFVLTTILLTRKLHTPANYLIGSLATTDLLVSILVMPISIAYTIT
HTWNFGQILCDIWLSSDITCCTASIWHLCVIALDRYWAITDALEYSKRRTAGHAATMIAIVWAISICISIPPLFWRQAKA
QEEMSDCLVNTSQISYTIYSTCGAFYIPSVLLIILYGRIYRAARNRILNPPSLYGKRFTTAHLITGSAGSSLCSLNSSLH
EGHSHSAGSPLFFNHVKIKLADSALERKRISAARERKATKILGIILGAFIICWLPFFVVSLVLPICRDSCWIHPALFDFF
TWLGYLNSLINPIIYTVFNEEFRQAFQKIVPFRKAS
;
R
#
# COMPACT_ATOMS: atom_id res chain seq x y z
N THR A 4 -16.14 -23.67 -6.47
CA THR A 4 -15.81 -22.43 -7.22
C THR A 4 -16.58 -21.23 -6.66
N LEU A 5 -16.24 -20.04 -7.13
CA LEU A 5 -16.89 -18.83 -6.65
C LEU A 5 -18.36 -18.82 -7.05
N SER A 6 -19.22 -18.46 -6.10
CA SER A 6 -20.64 -18.33 -6.37
C SER A 6 -20.93 -16.98 -7.03
N ALA A 7 -22.20 -16.74 -7.35
CA ALA A 7 -22.59 -15.48 -7.98
C ALA A 7 -22.25 -14.30 -7.07
N GLU A 8 -22.60 -14.40 -5.79
CA GLU A 8 -22.27 -13.33 -4.85
C GLU A 8 -20.76 -13.21 -4.69
N ASP A 9 -20.06 -14.34 -4.62
CA ASP A 9 -18.60 -14.29 -4.54
C ASP A 9 -17.99 -13.66 -5.79
N LYS A 10 -18.52 -13.99 -6.96
CA LYS A 10 -18.03 -13.39 -8.19
C LYS A 10 -18.27 -11.88 -8.21
N ALA A 11 -19.46 -11.45 -7.75
CA ALA A 11 -19.74 -10.02 -7.70
C ALA A 11 -18.82 -9.31 -6.71
N ALA A 12 -18.55 -9.95 -5.56
CA ALA A 12 -17.62 -9.37 -4.60
C ALA A 12 -16.22 -9.27 -5.20
N VAL A 13 -15.80 -10.28 -5.96
CA VAL A 13 -14.50 -10.24 -6.61
C VAL A 13 -14.45 -9.09 -7.62
N GLU A 14 -15.53 -8.92 -8.39
CA GLU A 14 -15.57 -7.82 -9.35
C GLU A 14 -15.51 -6.47 -8.66
N ARG A 15 -16.22 -6.33 -7.53
CA ARG A 15 -16.15 -5.09 -6.76
C ARG A 15 -14.73 -4.86 -6.24
N SER A 16 -14.06 -5.92 -5.80
CA SER A 16 -12.68 -5.80 -5.34
C SER A 16 -11.76 -5.36 -6.48
N LYS A 17 -11.96 -5.90 -7.67
CA LYS A 17 -11.15 -5.49 -8.81
C LYS A 17 -11.40 -4.03 -9.18
N MET A 18 -12.65 -3.59 -9.12
CA MET A 18 -12.95 -2.19 -9.37
C MET A 18 -12.27 -1.30 -8.32
N ILE A 19 -12.29 -1.72 -7.06
CA ILE A 19 -11.61 -0.97 -6.00
C ILE A 19 -10.11 -0.95 -6.27
N ASP A 20 -9.57 -2.06 -6.78
CA ASP A 20 -8.15 -2.10 -7.14
C ASP A 20 -7.84 -1.10 -8.25
N ARG A 21 -8.71 -1.01 -9.25
CA ARG A 21 -8.51 -0.04 -10.32
C ARG A 21 -8.54 1.38 -9.78
N ASN A 22 -9.50 1.67 -8.89
CA ASN A 22 -9.57 3.00 -8.30
C ASN A 22 -8.33 3.30 -7.48
N LEU A 23 -7.85 2.32 -6.71
CA LEU A 23 -6.64 2.50 -5.92
C LEU A 23 -5.43 2.76 -6.81
N ARG A 24 -5.33 2.04 -7.92
CA ARG A 24 -4.22 2.26 -8.86
C ARG A 24 -4.29 3.66 -9.45
N GLU A 25 -5.49 4.11 -9.81
CA GLU A 25 -5.63 5.46 -10.36
C GLU A 25 -5.23 6.50 -9.32
N ASP A 26 -5.68 6.33 -8.08
CA ASP A 26 -5.33 7.29 -7.04
C ASP A 26 -3.83 7.29 -6.77
N GLY A 27 -3.20 6.11 -6.76
CA GLY A 27 -1.77 6.04 -6.56
C GLY A 27 -1.00 6.71 -7.69
N GLU A 28 -1.45 6.51 -8.93
CA GLU A 28 -0.83 7.19 -10.06
C GLU A 28 -0.96 8.70 -9.93
N LYS A 29 -2.15 9.18 -9.56
CA LYS A 29 -2.34 10.61 -9.37
C LYS A 29 -1.42 11.15 -8.29
N ALA A 30 -1.27 10.40 -7.19
CA ALA A 30 -0.36 10.82 -6.12
C ALA A 30 1.08 10.85 -6.60
N ALA A 31 1.49 9.84 -7.38
CA ALA A 31 2.86 9.80 -7.87
C ALA A 31 3.16 10.96 -8.80
N ARG A 32 2.21 11.30 -9.68
CA ARG A 32 2.44 12.41 -10.60
C ARG A 32 2.62 13.72 -9.85
N GLU A 33 1.80 13.97 -8.85
CA GLU A 33 1.93 15.16 -8.03
C GLU A 33 3.12 15.06 -7.09
N VAL A 34 3.70 16.21 -6.76
CA VAL A 34 4.94 16.29 -5.99
C VAL A 34 4.60 16.62 -4.54
N LYS A 35 5.21 15.89 -3.61
CA LYS A 35 5.00 16.08 -2.19
C LYS A 35 6.17 16.87 -1.60
N LEU A 36 5.85 17.97 -0.92
CA LEU A 36 6.85 18.83 -0.31
C LEU A 36 6.56 19.01 1.17
N LEU A 37 7.62 18.98 1.98
CA LEU A 37 7.50 19.14 3.43
C LEU A 37 7.98 20.51 3.84
N LEU A 38 7.22 21.18 4.69
CA LEU A 38 7.54 22.52 5.18
C LEU A 38 8.01 22.43 6.62
N LEU A 39 9.12 23.11 6.92
CA LEU A 39 9.66 23.16 8.26
C LEU A 39 10.20 24.56 8.54
N GLY A 40 10.25 24.91 9.81
CA GLY A 40 10.74 26.21 10.22
C GLY A 40 10.03 26.69 11.46
N ALA A 41 10.57 27.76 12.04
CA ALA A 41 9.99 28.35 13.24
C ALA A 41 8.71 29.11 12.90
N GLY A 42 7.93 29.40 13.94
CA GLY A 42 6.67 30.10 13.74
C GLY A 42 6.86 31.49 13.15
N GLU A 43 7.89 32.21 13.61
CA GLU A 43 8.17 33.55 13.15
C GLU A 43 9.17 33.57 12.00
N SER A 44 9.54 32.42 11.45
CA SER A 44 10.49 32.36 10.36
C SER A 44 9.89 32.79 9.02
N GLY A 45 8.62 33.18 8.99
CA GLY A 45 7.97 33.60 7.76
C GLY A 45 7.29 32.50 6.99
N LYS A 46 7.37 31.25 7.47
CA LYS A 46 6.73 30.14 6.76
C LYS A 46 5.24 30.37 6.59
N ASN A 47 4.60 31.05 7.55
CA ASN A 47 3.18 31.37 7.40
C ASN A 47 2.93 32.22 6.16
N THR A 48 3.68 33.31 6.01
CA THR A 48 3.54 34.15 4.83
C THR A 48 3.92 33.39 3.56
N ILE A 49 4.93 32.52 3.64
CA ILE A 49 5.33 31.74 2.47
C ILE A 49 4.17 30.87 2.00
N VAL A 50 3.52 30.17 2.93
CA VAL A 50 2.38 29.34 2.58
C VAL A 50 1.24 30.19 2.03
N LYS A 51 0.99 31.34 2.67
CA LYS A 51 -0.10 32.20 2.21
C LYS A 51 0.13 32.68 0.78
N GLN A 52 1.36 33.06 0.45
CA GLN A 52 1.66 33.60 -0.86
C GLN A 52 1.93 32.54 -1.92
N MET A 53 2.13 31.27 -1.53
CA MET A 53 2.23 30.20 -2.50
C MET A 53 0.90 29.51 -2.79
N LYS A 54 -0.18 29.91 -2.13
CA LYS A 54 -1.49 29.28 -2.34
C LYS A 54 -2.12 29.90 -3.58
N ILE A 55 -1.78 29.35 -4.74
CA ILE A 55 -2.30 29.83 -6.00
C ILE A 55 -3.78 29.48 -6.13
N THR A 182 -5.74 22.99 13.50
CA THR A 182 -5.18 22.58 14.79
C THR A 182 -4.00 21.63 14.60
N GLY A 183 -4.10 20.79 13.58
CA GLY A 183 -3.05 19.83 13.28
C GLY A 183 -2.28 20.19 12.03
N ILE A 184 -1.83 19.17 11.28
CA ILE A 184 -1.10 19.42 10.05
C ILE A 184 -2.01 20.07 9.02
N VAL A 185 -1.41 20.88 8.16
CA VAL A 185 -2.14 21.61 7.12
C VAL A 185 -1.54 21.24 5.77
N GLU A 186 -2.39 20.85 4.83
CA GLU A 186 -1.97 20.50 3.47
C GLU A 186 -2.34 21.63 2.53
N THR A 187 -1.36 22.10 1.77
CA THR A 187 -1.55 23.20 0.81
C THR A 187 -1.30 22.65 -0.59
N HIS A 188 -2.38 22.39 -1.32
CA HIS A 188 -2.29 21.85 -2.67
C HIS A 188 -2.34 22.98 -3.69
N PHE A 189 -1.35 23.01 -4.57
CA PHE A 189 -1.30 24.00 -5.63
C PHE A 189 -0.56 23.42 -6.83
N THR A 190 -0.81 24.00 -7.99
CA THR A 190 -0.22 23.53 -9.24
C THR A 190 0.51 24.67 -9.93
N PHE A 191 1.62 24.33 -10.60
CA PHE A 191 2.43 25.32 -11.30
C PHE A 191 3.13 24.65 -12.46
N LYS A 192 2.79 25.07 -13.68
CA LYS A 192 3.40 24.56 -14.90
C LYS A 192 3.28 23.04 -14.97
N ASP A 193 2.05 22.55 -14.88
CA ASP A 193 1.66 21.16 -15.06
C ASP A 193 2.06 20.27 -13.89
N LEU A 194 2.76 20.79 -12.88
CA LEU A 194 3.17 20.01 -11.71
C LEU A 194 2.25 20.34 -10.55
N HIS A 195 1.67 19.31 -9.95
CA HIS A 195 0.79 19.47 -8.79
C HIS A 195 1.63 19.37 -7.53
N PHE A 196 1.70 20.47 -6.77
CA PHE A 196 2.50 20.55 -5.56
C PHE A 196 1.58 20.55 -4.35
N LYS A 197 1.90 19.73 -3.35
CA LYS A 197 1.19 19.69 -2.08
C LYS A 197 2.19 19.89 -0.96
N MET A 198 2.01 20.97 -0.20
CA MET A 198 2.92 21.34 0.87
C MET A 198 2.31 21.01 2.22
N PHE A 199 3.10 20.40 3.09
CA PHE A 199 2.64 19.96 4.41
C PHE A 199 3.29 20.87 5.46
N ASP A 200 2.45 21.51 6.27
CA ASP A 200 2.90 22.40 7.34
C ASP A 200 2.79 21.65 8.66
N VAL A 201 3.93 21.22 9.20
CA VAL A 201 3.97 20.48 10.44
C VAL A 201 4.36 21.37 11.62
N GLY A 202 4.29 22.69 11.45
CA GLY A 202 4.63 23.60 12.53
C GLY A 202 3.66 23.57 13.69
N ALA A 203 2.42 23.14 13.44
CA ALA A 203 1.42 23.07 14.49
C ALA A 203 1.57 21.84 15.38
N GLN A 204 2.43 20.90 15.01
CA GLN A 204 2.64 19.68 15.80
C GLN A 204 3.68 19.96 16.87
N ARG A 205 3.21 20.14 18.11
CA ARG A 205 4.10 20.39 19.24
C ARG A 205 4.54 19.09 19.90
N SER A 206 5.11 18.19 19.11
CA SER A 206 5.58 16.90 19.59
C SER A 206 6.91 16.57 18.95
N GLU A 207 7.66 15.69 19.60
CA GLU A 207 8.96 15.30 19.08
C GLU A 207 8.81 14.72 17.67
N ARG A 208 9.67 15.17 16.76
CA ARG A 208 9.51 14.83 15.35
C ARG A 208 9.79 13.35 15.09
N LYS A 209 10.75 12.77 15.81
CA LYS A 209 11.22 11.42 15.49
C LYS A 209 10.10 10.39 15.54
N LYS A 210 9.05 10.63 16.32
CA LYS A 210 7.94 9.69 16.39
C LYS A 210 7.03 9.76 15.17
N TRP A 211 7.03 10.87 14.43
CA TRP A 211 6.18 11.02 13.26
C TRP A 211 6.91 11.58 12.04
N ILE A 212 8.18 11.98 12.16
CA ILE A 212 8.89 12.53 11.03
C ILE A 212 9.07 11.48 9.94
N HIS A 213 9.11 10.19 10.31
CA HIS A 213 9.30 9.13 9.33
C HIS A 213 8.18 9.09 8.31
N CYS A 214 7.01 9.70 8.61
CA CYS A 214 5.91 9.67 7.66
C CYS A 214 6.26 10.40 6.37
N PHE A 215 7.17 11.38 6.44
CA PHE A 215 7.55 12.18 5.28
C PHE A 215 8.82 11.68 4.60
N GLU A 216 9.14 10.39 4.76
CA GLU A 216 10.36 9.87 4.16
C GLU A 216 10.31 9.94 2.64
N GLY A 217 9.12 9.79 2.04
CA GLY A 217 8.96 9.79 0.61
C GLY A 217 8.85 11.15 -0.04
N VAL A 218 8.94 12.23 0.72
CA VAL A 218 8.83 13.56 0.14
C VAL A 218 10.00 13.81 -0.79
N THR A 219 9.70 14.39 -1.96
CA THR A 219 10.75 14.67 -2.93
C THR A 219 11.76 15.67 -2.38
N ALA A 220 11.28 16.71 -1.69
CA ALA A 220 12.16 17.74 -1.14
C ALA A 220 11.52 18.30 0.12
N ILE A 221 12.35 18.91 0.96
CA ILE A 221 11.92 19.51 2.21
C ILE A 221 12.20 21.00 2.14
N ILE A 222 11.18 21.80 2.42
CA ILE A 222 11.30 23.26 2.40
C ILE A 222 11.51 23.72 3.84
N PHE A 223 12.66 24.33 4.10
CA PHE A 223 13.01 24.85 5.42
C PHE A 223 13.03 26.36 5.36
N CYS A 224 12.22 27.00 6.20
CA CYS A 224 12.08 28.45 6.21
C CYS A 224 12.81 29.03 7.42
N VAL A 225 13.71 29.97 7.15
CA VAL A 225 14.46 30.67 8.19
C VAL A 225 14.43 32.16 7.90
N ALA A 226 14.06 32.96 8.89
CA ALA A 226 14.09 34.41 8.75
C ALA A 226 15.45 34.92 9.19
N LEU A 227 16.13 35.65 8.28
CA LEU A 227 17.45 36.15 8.58
C LEU A 227 17.45 37.18 9.70
N SER A 228 16.29 37.72 10.05
CA SER A 228 16.19 38.74 11.08
C SER A 228 16.28 38.18 12.49
N ASP A 229 16.30 36.85 12.66
CA ASP A 229 16.33 36.25 13.98
C ASP A 229 17.73 36.17 14.57
N TYR A 230 18.76 36.62 13.84
CA TYR A 230 20.12 36.51 14.36
C TYR A 230 20.31 37.28 15.66
N ASP A 231 19.48 38.29 15.92
CA ASP A 231 19.55 39.06 17.15
C ASP A 231 18.32 38.87 18.04
N LEU A 232 17.46 37.92 17.73
CA LEU A 232 16.26 37.70 18.51
C LEU A 232 16.57 36.83 19.73
N VAL A 233 15.55 36.66 20.58
CA VAL A 233 15.67 35.89 21.82
C VAL A 233 14.78 34.66 21.69
N LEU A 234 15.36 33.49 21.96
CA LEU A 234 14.62 32.24 21.90
C LEU A 234 13.59 32.16 23.03
N ASN A 241 18.30 34.00 20.95
CA ASN A 241 19.20 33.18 20.14
C ASN A 241 18.43 32.07 19.42
N ARG A 242 17.23 32.39 18.95
CA ARG A 242 16.43 31.40 18.24
C ARG A 242 17.06 30.99 16.91
N MET A 243 18.03 31.77 16.42
CA MET A 243 18.76 31.35 15.22
C MET A 243 19.52 30.05 15.50
N HIS A 244 20.10 29.92 16.69
CA HIS A 244 20.77 28.68 17.06
C HIS A 244 19.78 27.52 17.13
N ALA A 245 18.57 27.78 17.63
CA ALA A 245 17.54 26.74 17.65
C ALA A 245 17.17 26.31 16.24
N SER A 246 17.03 27.28 15.33
CA SER A 246 16.73 26.95 13.94
C SER A 246 17.87 26.14 13.32
N MET A 247 19.11 26.51 13.62
CA MET A 247 20.25 25.76 13.11
C MET A 247 20.24 24.33 13.63
N LYS A 248 19.92 24.15 14.92
CA LYS A 248 19.85 22.82 15.50
C LYS A 248 18.75 22.00 14.83
N LEU A 249 17.58 22.61 14.60
CA LEU A 249 16.50 21.91 13.93
C LEU A 249 16.91 21.50 12.52
N PHE A 250 17.57 22.40 11.79
CA PHE A 250 18.04 22.07 10.45
C PHE A 250 19.05 20.93 10.49
N ASP A 251 19.96 20.97 11.45
CA ASP A 251 20.95 19.90 11.59
C ASP A 251 20.26 18.56 11.82
N SER A 252 19.31 18.53 12.76
CA SER A 252 18.62 17.28 13.08
C SER A 252 17.85 16.75 11.88
N ILE A 253 17.15 17.64 11.15
CA ILE A 253 16.38 17.21 10.00
C ILE A 253 17.31 16.69 8.90
N CYS A 254 18.40 17.42 8.64
CA CYS A 254 19.31 17.04 7.56
C CYS A 254 19.98 15.71 7.83
N ASN A 255 20.45 15.50 9.06
CA ASN A 255 21.13 14.27 9.41
C ASN A 255 20.19 13.18 9.87
N ASN A 256 18.88 13.43 9.86
CA ASN A 256 17.92 12.39 10.19
C ASN A 256 18.07 11.21 9.23
N LYS A 257 18.03 10.00 9.79
CA LYS A 257 18.24 8.80 8.97
C LYS A 257 17.15 8.63 7.91
N TRP A 258 15.97 9.22 8.12
CA TRP A 258 14.89 9.09 7.14
C TRP A 258 15.11 9.96 5.91
N PHE A 259 15.79 11.09 6.06
CA PHE A 259 16.01 12.04 4.98
C PHE A 259 17.42 11.96 4.42
N THR A 260 17.99 10.77 4.34
CA THR A 260 19.34 10.62 3.79
C THR A 260 19.39 11.05 2.33
N ASP A 261 18.39 10.67 1.55
CA ASP A 261 18.34 10.97 0.12
C ASP A 261 17.39 12.10 -0.22
N THR A 262 16.89 12.83 0.78
CA THR A 262 15.92 13.91 0.57
C THR A 262 16.65 15.24 0.59
N SER A 263 16.53 16.00 -0.50
CA SER A 263 17.12 17.33 -0.56
C SER A 263 16.30 18.31 0.26
N ILE A 264 16.95 19.40 0.66
CA ILE A 264 16.33 20.44 1.48
C ILE A 264 16.36 21.76 0.70
N ILE A 265 15.20 22.40 0.58
CA ILE A 265 15.07 23.69 -0.08
C ILE A 265 15.06 24.74 1.03
N LEU A 266 16.20 25.41 1.22
CA LEU A 266 16.32 26.40 2.29
C LEU A 266 15.77 27.73 1.81
N PHE A 267 14.84 28.30 2.59
CA PHE A 267 14.23 29.60 2.29
C PHE A 267 14.69 30.60 3.35
N LEU A 268 15.47 31.59 2.93
CA LEU A 268 15.92 32.67 3.81
C LEU A 268 14.93 33.82 3.69
N ASN A 269 14.08 33.96 4.71
CA ASN A 269 12.98 34.93 4.69
C ASN A 269 13.38 36.22 5.37
N LYS A 270 12.55 37.25 5.15
CA LYS A 270 12.74 38.56 5.78
C LYS A 270 14.15 39.10 5.53
N LYS A 271 14.60 38.97 4.28
CA LYS A 271 15.91 39.49 3.93
C LYS A 271 15.93 41.02 3.94
N ASP A 272 14.81 41.65 3.60
CA ASP A 272 14.76 43.11 3.62
C ASP A 272 14.96 43.63 5.04
N LEU A 273 14.24 43.05 6.01
CA LEU A 273 14.43 43.45 7.40
C LEU A 273 15.85 43.12 7.87
N PHE A 274 16.38 41.98 7.45
CA PHE A 274 17.73 41.59 7.84
C PHE A 274 18.76 42.62 7.36
N GLU A 275 18.65 43.07 6.11
CA GLU A 275 19.59 44.04 5.60
C GLU A 275 19.36 45.42 6.20
N GLU A 276 18.10 45.76 6.52
CA GLU A 276 17.83 47.04 7.16
C GLU A 276 18.37 47.10 8.57
N LYS A 277 18.37 45.98 9.29
CA LYS A 277 18.79 45.96 10.68
C LYS A 277 20.28 45.64 10.86
N ILE A 278 20.88 44.92 9.91
CA ILE A 278 22.28 44.53 10.06
C ILE A 278 23.19 45.76 10.01
N LYS A 279 22.83 46.77 9.22
CA LYS A 279 23.67 47.95 9.11
C LYS A 279 23.87 48.65 10.44
N LYS A 280 22.99 48.41 11.41
CA LYS A 280 23.13 48.97 12.75
C LYS A 280 23.44 47.92 13.81
N SER A 281 22.92 46.71 13.67
CA SER A 281 23.19 45.62 14.61
C SER A 281 24.11 44.60 13.95
N PRO A 282 25.36 44.46 14.39
CA PRO A 282 26.26 43.52 13.71
C PRO A 282 25.82 42.08 13.86
N LEU A 283 26.17 41.28 12.85
CA LEU A 283 25.85 39.86 12.86
C LEU A 283 26.68 39.08 13.87
N THR A 284 27.71 39.69 14.45
CA THR A 284 28.59 38.97 15.37
C THR A 284 27.85 38.48 16.61
N ILE A 285 26.66 39.01 16.89
CA ILE A 285 25.90 38.58 18.06
C ILE A 285 25.63 37.09 17.99
N CYS A 286 25.21 36.59 16.84
CA CYS A 286 24.89 35.18 16.68
C CYS A 286 26.12 34.34 16.34
N TYR A 287 27.01 34.86 15.50
CA TYR A 287 28.20 34.14 15.07
C TYR A 287 29.45 34.91 15.50
N PRO A 288 30.04 34.58 16.65
CA PRO A 288 31.28 35.28 17.05
C PRO A 288 32.41 35.13 16.05
N GLU A 289 32.48 34.01 15.34
CA GLU A 289 33.56 33.77 14.39
C GLU A 289 33.43 34.62 13.13
N TYR A 290 32.30 35.29 12.93
CA TYR A 290 32.11 36.08 11.73
C TYR A 290 33.12 37.21 11.66
N ALA A 291 33.66 37.45 10.46
CA ALA A 291 34.62 38.53 10.23
C ALA A 291 34.26 39.23 8.92
N GLY A 292 34.62 40.51 8.85
CA GLY A 292 34.37 41.32 7.67
C GLY A 292 33.29 42.35 7.93
N SER A 293 32.99 43.11 6.88
CA SER A 293 31.98 44.15 6.96
C SER A 293 30.61 43.54 7.22
N ASN A 294 29.79 44.27 7.97
CA ASN A 294 28.44 43.81 8.34
C ASN A 294 27.45 44.39 7.33
N THR A 295 27.32 43.71 6.20
CA THR A 295 26.35 44.06 5.18
C THR A 295 25.67 42.79 4.69
N TYR A 296 24.43 42.94 4.21
CA TYR A 296 23.63 41.77 3.86
C TYR A 296 24.30 40.94 2.76
N GLU A 297 24.96 41.60 1.81
CA GLU A 297 25.54 40.88 0.68
C GLU A 297 26.53 39.82 1.17
N GLU A 298 27.40 40.18 2.10
CA GLU A 298 28.40 39.25 2.63
C GLU A 298 28.01 38.69 3.99
N ALA A 299 26.79 38.97 4.46
CA ALA A 299 26.29 38.42 5.71
C ALA A 299 25.30 37.29 5.50
N ALA A 300 24.33 37.46 4.60
CA ALA A 300 23.41 36.37 4.29
C ALA A 300 24.13 35.21 3.62
N ALA A 301 25.13 35.51 2.78
CA ALA A 301 25.92 34.44 2.19
C ALA A 301 26.67 33.66 3.26
N TYR A 302 27.24 34.37 4.25
CA TYR A 302 27.91 33.69 5.34
C TYR A 302 26.94 32.84 6.14
N ILE A 303 25.73 33.36 6.38
CA ILE A 303 24.70 32.58 7.07
C ILE A 303 24.39 31.31 6.29
N GLN A 304 24.28 31.42 4.97
CA GLN A 304 24.00 30.26 4.14
C GLN A 304 25.12 29.23 4.22
N CYS A 305 26.38 29.70 4.18
CA CYS A 305 27.50 28.78 4.31
C CYS A 305 27.50 28.09 5.67
N GLN A 306 27.20 28.83 6.74
CA GLN A 306 27.13 28.22 8.07
C GLN A 306 26.02 27.18 8.12
N PHE A 307 24.87 27.48 7.53
CA PHE A 307 23.77 26.51 7.51
C PHE A 307 24.18 25.26 6.74
N GLU A 308 24.86 25.43 5.60
CA GLU A 308 25.30 24.28 4.81
C GLU A 308 26.40 23.49 5.50
N ASP A 309 27.18 24.12 6.40
CA ASP A 309 28.24 23.41 7.09
C ASP A 309 27.70 22.27 7.95
N LEU A 310 26.42 22.30 8.30
CA LEU A 310 25.82 21.23 9.08
C LEU A 310 25.72 19.93 8.31
N ASN A 311 25.94 19.94 7.00
CA ASN A 311 25.82 18.75 6.17
C ASN A 311 26.91 17.75 6.54
N LYS A 312 26.52 16.64 7.14
CA LYS A 312 27.42 15.52 7.37
C LYS A 312 27.42 14.51 6.24
N ARG A 313 26.51 14.66 5.27
CA ARG A 313 26.35 13.74 4.15
C ARG A 313 26.19 14.52 2.84
N LYS A 314 27.09 15.47 2.62
CA LYS A 314 26.99 16.31 1.42
C LYS A 314 26.99 15.48 0.15
N ASP A 315 27.61 14.30 0.17
CA ASP A 315 27.74 13.51 -1.06
C ASP A 315 26.38 13.04 -1.58
N THR A 316 25.49 12.63 -0.68
CA THR A 316 24.26 11.96 -1.11
C THR A 316 23.10 12.92 -1.32
N LYS A 317 23.07 14.06 -0.62
CA LYS A 317 21.94 14.98 -0.68
C LYS A 317 22.44 16.38 -1.06
N GLU A 318 21.49 17.25 -1.39
CA GLU A 318 21.80 18.60 -1.85
C GLU A 318 20.87 19.59 -1.18
N ILE A 319 21.33 20.83 -1.06
CA ILE A 319 20.57 21.92 -0.46
C ILE A 319 20.37 23.01 -1.51
N TYR A 320 19.14 23.50 -1.61
CA TYR A 320 18.80 24.62 -2.48
C TYR A 320 18.44 25.82 -1.63
N THR A 321 19.10 26.94 -1.86
CA THR A 321 18.91 28.15 -1.07
C THR A 321 18.30 29.24 -1.94
N HIS A 322 17.28 29.91 -1.42
CA HIS A 322 16.61 31.01 -2.12
C HIS A 322 16.44 32.19 -1.18
N PHE A 323 16.38 33.38 -1.77
CA PHE A 323 16.14 34.62 -1.04
C PHE A 323 14.74 35.11 -1.36
N THR A 324 13.95 35.35 -0.32
CA THR A 324 12.54 35.70 -0.46
C THR A 324 12.33 37.20 -0.39
N CYS A 325 11.46 37.70 -1.28
CA CYS A 325 11.06 39.10 -1.27
C CYS A 325 9.54 39.18 -1.36
N SER A 326 9.01 40.38 -1.57
CA SER A 326 7.56 40.57 -1.73
C SER A 326 7.16 40.27 -3.19
N THR A 327 7.51 39.06 -3.62
CA THR A 327 7.25 38.63 -4.98
C THR A 327 5.86 38.00 -5.09
N ASP A 328 5.42 37.79 -6.34
CA ASP A 328 4.15 37.17 -6.63
C ASP A 328 4.26 35.68 -6.92
N THR A 329 5.22 35.29 -7.76
CA THR A 329 5.41 33.89 -8.11
C THR A 329 6.87 33.47 -8.21
N LYS A 330 7.82 34.34 -7.86
CA LYS A 330 9.23 33.97 -7.98
C LYS A 330 9.58 32.82 -7.05
N ASN A 331 9.02 32.81 -5.83
CA ASN A 331 9.25 31.69 -4.93
C ASN A 331 8.70 30.39 -5.50
N VAL A 332 7.51 30.46 -6.11
CA VAL A 332 6.93 29.28 -6.75
C VAL A 332 7.81 28.83 -7.91
N GLN A 333 8.36 29.79 -8.67
CA GLN A 333 9.26 29.44 -9.76
C GLN A 333 10.50 28.73 -9.23
N PHE A 334 11.07 29.22 -8.13
CA PHE A 334 12.25 28.57 -7.56
C PHE A 334 11.90 27.18 -7.06
N VAL A 335 10.73 27.00 -6.45
CA VAL A 335 10.32 25.68 -5.99
C VAL A 335 10.19 24.73 -7.18
N PHE A 336 9.58 25.19 -8.27
CA PHE A 336 9.45 24.37 -9.46
C PHE A 336 10.81 23.99 -10.01
N ASP A 337 11.74 24.95 -10.08
CA ASP A 337 13.07 24.67 -10.59
C ASP A 337 13.79 23.67 -9.70
N ALA A 338 13.66 23.81 -8.38
CA ALA A 338 14.31 22.87 -7.47
C ALA A 338 13.73 21.47 -7.62
N VAL A 339 12.42 21.36 -7.76
CA VAL A 339 11.82 20.04 -7.96
C VAL A 339 12.30 19.42 -9.26
N THR A 340 12.35 20.22 -10.33
CA THR A 340 12.85 19.71 -11.60
C THR A 340 14.29 19.24 -11.49
N ASP A 341 15.13 20.02 -10.80
CA ASP A 341 16.53 19.65 -10.63
C ASP A 341 16.66 18.37 -9.80
N VAL A 342 15.83 18.22 -8.76
CA VAL A 342 15.86 17.01 -7.95
C VAL A 342 15.47 15.80 -8.80
N ILE A 343 14.43 15.95 -9.62
CA ILE A 343 14.02 14.85 -10.49
C ILE A 343 15.13 14.50 -11.48
N ILE A 344 15.78 15.51 -12.04
CA ILE A 344 16.86 15.27 -12.99
C ILE A 344 18.01 14.54 -12.31
N LYS A 345 18.35 14.95 -11.09
CA LYS A 345 19.43 14.28 -10.35
C LYS A 345 19.06 12.84 -10.02
N ASN A 346 17.81 12.61 -9.63
CA ASN A 346 17.38 11.23 -9.35
C ASN A 346 17.48 10.37 -10.61
N ASN A 347 17.07 10.91 -11.75
CA ASN A 347 17.17 10.17 -13.00
C ASN A 347 18.63 9.89 -13.35
N LEU A 348 19.51 10.88 -13.14
CA LEU A 348 20.93 10.69 -13.39
C LEU A 348 21.50 9.59 -12.50
N LYS A 349 21.14 9.60 -11.22
CA LYS A 349 21.61 8.56 -10.31
C LYS A 349 21.11 7.19 -10.74
N ASP A 350 19.85 7.11 -11.16
CA ASP A 350 19.34 5.85 -11.71
C ASP A 350 20.14 5.42 -12.93
N CYS A 351 20.57 6.38 -13.75
CA CYS A 351 21.43 6.09 -14.89
C CYS A 351 22.83 5.66 -14.48
N GLY A 352 23.21 5.85 -13.22
CA GLY A 352 24.53 5.51 -12.72
C GLY A 352 25.45 6.70 -12.54
N LEU A 353 25.12 7.85 -13.14
CA LEU A 353 25.95 9.03 -12.99
C LEU A 353 25.75 9.65 -11.60
N PHE A 354 26.36 10.83 -11.44
CA PHE A 354 26.31 11.65 -10.19
C PHE A 354 26.79 10.80 -9.01
N LEU B 12 7.22 20.12 47.43
CA LEU B 12 6.61 18.76 47.50
C LEU B 12 7.41 17.75 46.69
N ARG B 13 8.38 18.25 45.91
CA ARG B 13 9.20 17.37 45.09
C ARG B 13 10.09 16.46 45.93
N GLN B 14 10.27 16.76 47.21
CA GLN B 14 11.05 15.87 48.08
C GLN B 14 10.25 14.64 48.50
N GLU B 15 8.94 14.81 48.73
CA GLU B 15 8.12 13.70 49.19
C GLU B 15 7.92 12.66 48.09
N ALA B 16 7.77 13.12 46.84
CA ALA B 16 7.50 12.19 45.75
C ALA B 16 8.63 11.21 45.55
N GLU B 17 9.89 11.65 45.65
CA GLU B 17 11.02 10.74 45.50
C GLU B 17 11.00 9.68 46.60
N GLN B 18 10.74 10.09 47.84
CA GLN B 18 10.72 9.13 48.94
C GLN B 18 9.60 8.11 48.75
N LEU B 19 8.42 8.57 48.31
CA LEU B 19 7.31 7.63 48.15
C LEU B 19 7.52 6.73 46.93
N LYS B 20 8.21 7.24 45.90
CA LYS B 20 8.60 6.36 44.80
C LYS B 20 9.56 5.28 45.26
N ASN B 21 10.51 5.64 46.13
CA ASN B 21 11.38 4.63 46.72
C ASN B 21 10.57 3.62 47.53
N GLN B 22 9.56 4.11 48.26
CA GLN B 22 8.72 3.21 49.05
C GLN B 22 7.96 2.24 48.15
N ILE B 23 7.42 2.74 47.03
CA ILE B 23 6.71 1.87 46.09
C ILE B 23 7.67 0.85 45.49
N ARG B 24 8.90 1.26 45.17
CA ARG B 24 9.88 0.32 44.66
C ARG B 24 10.17 -0.77 45.69
N ASP B 25 10.30 -0.38 46.96
CA ASP B 25 10.55 -1.35 48.01
C ASP B 25 9.37 -2.32 48.14
N ALA B 26 8.14 -1.80 48.07
CA ALA B 26 6.96 -2.66 48.16
C ALA B 26 6.89 -3.64 46.98
N ARG B 27 7.19 -3.14 45.78
CA ARG B 27 7.18 -4.01 44.59
C ARG B 27 8.24 -5.09 44.72
N LYS B 28 9.42 -4.74 45.22
CA LYS B 28 10.44 -5.75 45.47
C LYS B 28 9.96 -6.76 46.51
N ALA B 29 9.29 -6.29 47.55
CA ALA B 29 8.83 -7.18 48.61
C ALA B 29 7.82 -8.19 48.08
N CYS B 30 6.84 -7.73 47.30
CA CYS B 30 5.82 -8.64 46.78
C CYS B 30 6.39 -9.56 45.70
N ALA B 31 7.58 -9.28 45.20
CA ALA B 31 8.21 -10.12 44.18
C ALA B 31 8.92 -11.29 44.85
N ASP B 32 8.10 -12.16 45.46
CA ASP B 32 8.64 -13.33 46.14
C ASP B 32 9.36 -14.25 45.17
N ALA B 33 8.79 -14.43 43.97
CA ALA B 33 9.37 -15.28 42.94
C ALA B 33 9.29 -14.56 41.60
N THR B 34 9.81 -15.21 40.56
CA THR B 34 9.81 -14.64 39.22
C THR B 34 9.20 -15.65 38.25
N LEU B 35 8.59 -15.13 37.18
CA LEU B 35 7.95 -16.00 36.20
C LEU B 35 8.96 -16.95 35.55
N SER B 36 10.18 -16.48 35.31
CA SER B 36 11.18 -17.33 34.67
C SER B 36 11.50 -18.55 35.54
N GLN B 37 11.66 -18.34 36.85
CA GLN B 37 12.04 -19.45 37.73
C GLN B 37 10.90 -20.46 37.86
N ILE B 38 9.68 -19.98 38.08
CA ILE B 38 8.56 -20.89 38.28
C ILE B 38 8.22 -21.63 37.00
N THR B 39 8.33 -20.96 35.86
CA THR B 39 8.03 -21.57 34.56
C THR B 39 9.13 -22.48 34.04
N ASN B 40 10.12 -22.82 34.88
CA ASN B 40 11.19 -23.70 34.43
C ASN B 40 10.66 -25.07 34.05
N ASN B 41 9.73 -25.61 34.84
CA ASN B 41 9.19 -26.94 34.61
C ASN B 41 8.12 -26.96 33.53
N ILE B 42 7.68 -25.81 33.04
CA ILE B 42 6.65 -25.76 32.01
C ILE B 42 7.25 -26.18 30.67
N ASP B 43 6.60 -27.12 30.00
CA ASP B 43 7.11 -27.60 28.73
C ASP B 43 7.09 -26.45 27.70
N PRO B 44 8.18 -26.23 26.97
CA PRO B 44 8.18 -25.14 25.98
C PRO B 44 7.21 -25.41 24.85
N VAL B 45 6.68 -24.32 24.27
CA VAL B 45 5.75 -24.45 23.16
C VAL B 45 6.43 -25.02 21.92
N GLY B 46 7.76 -24.96 21.84
CA GLY B 46 8.48 -25.48 20.70
C GLY B 46 8.63 -24.46 19.59
N ARG B 47 9.30 -24.91 18.53
CA ARG B 47 9.57 -24.06 17.38
C ARG B 47 8.30 -23.91 16.54
N ILE B 48 7.85 -22.67 16.36
CA ILE B 48 6.57 -22.35 15.75
C ILE B 48 6.81 -21.66 14.42
N GLN B 49 6.03 -22.02 13.41
CA GLN B 49 6.11 -21.41 12.09
C GLN B 49 4.71 -21.09 11.58
N MET B 50 4.61 -20.02 10.82
CA MET B 50 3.36 -19.61 10.18
C MET B 50 3.65 -19.20 8.76
N ARG B 51 2.84 -19.69 7.82
CA ARG B 51 3.02 -19.40 6.41
C ARG B 51 2.13 -18.24 5.97
N THR B 52 2.59 -17.51 4.96
CA THR B 52 1.84 -16.37 4.41
C THR B 52 0.67 -16.91 3.59
N ARG B 53 -0.42 -17.25 4.30
CA ARG B 53 -1.58 -17.80 3.63
C ARG B 53 -2.19 -16.78 2.66
N ARG B 54 -2.27 -15.52 3.09
CA ARG B 54 -2.80 -14.43 2.27
C ARG B 54 -1.81 -13.28 2.23
N THR B 55 -1.62 -12.71 1.05
CA THR B 55 -0.82 -11.51 0.85
C THR B 55 -1.77 -10.44 0.34
N LEU B 56 -2.15 -9.51 1.20
CA LEU B 56 -3.12 -8.47 0.87
C LEU B 56 -2.42 -7.41 0.04
N ARG B 57 -2.79 -7.31 -1.24
CA ARG B 57 -2.20 -6.35 -2.17
C ARG B 57 -3.26 -5.36 -2.62
N GLY B 58 -2.81 -4.13 -2.86
CA GLY B 58 -3.71 -3.06 -3.25
C GLY B 58 -3.29 -1.73 -2.64
N HIS B 59 -2.54 -1.78 -1.55
CA HIS B 59 -1.99 -0.57 -0.95
C HIS B 59 -0.77 -0.11 -1.75
N LEU B 60 -0.64 1.20 -1.90
CA LEU B 60 0.48 1.78 -2.65
C LEU B 60 1.31 2.74 -1.79
N ALA B 61 1.26 2.59 -0.48
CA ALA B 61 2.04 3.44 0.42
C ALA B 61 2.23 2.71 1.74
N LYS B 62 3.04 3.29 2.61
CA LYS B 62 3.36 2.65 3.88
C LYS B 62 2.10 2.39 4.71
N ILE B 63 2.04 1.22 5.34
CA ILE B 63 0.95 0.83 6.21
C ILE B 63 1.43 0.92 7.65
N TYR B 64 0.65 1.60 8.49
CA TYR B 64 1.04 1.84 9.87
C TYR B 64 0.13 1.22 10.91
N ALA B 65 -1.12 0.91 10.56
CA ALA B 65 -2.06 0.39 11.54
C ALA B 65 -3.03 -0.57 10.89
N MET B 66 -3.54 -1.51 11.69
CA MET B 66 -4.57 -2.43 11.26
C MET B 66 -5.26 -2.98 12.50
N HIS B 67 -6.48 -3.49 12.31
CA HIS B 67 -7.25 -4.04 13.42
C HIS B 67 -8.14 -5.16 12.90
N TRP B 68 -8.19 -6.27 13.63
CA TRP B 68 -9.04 -7.39 13.27
C TRP B 68 -10.46 -7.17 13.77
N GLY B 69 -11.44 -7.59 12.97
CA GLY B 69 -12.82 -7.48 13.39
C GLY B 69 -13.21 -8.54 14.39
N THR B 70 -14.34 -8.30 15.06
CA THR B 70 -14.83 -9.25 16.05
C THR B 70 -15.24 -10.57 15.44
N ASP B 71 -15.53 -10.59 14.14
CA ASP B 71 -15.90 -11.83 13.45
C ASP B 71 -14.69 -12.62 12.97
N SER B 72 -13.48 -12.10 13.16
CA SER B 72 -12.23 -12.75 12.77
C SER B 72 -12.08 -12.86 11.26
N ARG B 73 -12.91 -12.17 10.49
CA ARG B 73 -12.85 -12.20 9.03
C ARG B 73 -12.51 -10.85 8.44
N LEU B 74 -13.24 -9.79 8.83
CA LEU B 74 -13.01 -8.46 8.31
C LEU B 74 -11.92 -7.76 9.13
N LEU B 75 -10.98 -7.12 8.43
CA LEU B 75 -9.93 -6.34 9.07
C LEU B 75 -9.71 -5.06 8.29
N VAL B 76 -9.53 -3.97 9.01
CA VAL B 76 -9.31 -2.65 8.42
C VAL B 76 -7.83 -2.32 8.50
N SER B 77 -7.33 -1.66 7.45
CA SER B 77 -5.93 -1.28 7.36
C SER B 77 -5.83 0.19 6.95
N ALA B 78 -4.78 0.84 7.42
CA ALA B 78 -4.53 2.24 7.12
C ALA B 78 -3.16 2.39 6.47
N SER B 79 -3.10 3.20 5.40
CA SER B 79 -1.86 3.44 4.69
C SER B 79 -1.77 4.94 4.38
N GLN B 80 -0.57 5.36 3.96
CA GLN B 80 -0.34 6.76 3.64
C GLN B 80 -1.00 7.19 2.33
N ASP B 81 -1.69 6.28 1.63
CA ASP B 81 -2.43 6.66 0.45
C ASP B 81 -3.67 7.49 0.77
N GLY B 82 -4.03 7.63 2.05
CA GLY B 82 -5.22 8.36 2.42
C GLY B 82 -6.50 7.60 2.18
N LYS B 83 -6.45 6.27 2.22
CA LYS B 83 -7.62 5.43 1.95
C LYS B 83 -7.56 4.21 2.85
N LEU B 84 -8.69 3.88 3.46
CA LEU B 84 -8.82 2.69 4.29
C LEU B 84 -9.45 1.58 3.46
N ILE B 85 -8.80 0.42 3.46
CA ILE B 85 -9.25 -0.73 2.69
C ILE B 85 -9.74 -1.79 3.68
N ILE B 86 -10.99 -2.19 3.54
CA ILE B 86 -11.55 -3.28 4.34
C ILE B 86 -11.37 -4.57 3.55
N TRP B 87 -10.59 -5.49 4.10
CA TRP B 87 -10.21 -6.72 3.41
C TRP B 87 -11.05 -7.89 3.93
N ASP B 88 -11.42 -8.77 3.01
CA ASP B 88 -12.06 -10.04 3.36
C ASP B 88 -10.94 -11.08 3.44
N SER B 89 -10.47 -11.33 4.67
CA SER B 89 -9.31 -12.19 4.85
C SER B 89 -9.53 -13.58 4.26
N TYR B 90 -10.78 -14.04 4.22
CA TYR B 90 -11.05 -15.37 3.69
C TYR B 90 -10.93 -15.43 2.17
N THR B 91 -11.04 -14.29 1.49
CA THR B 91 -10.96 -14.27 0.03
C THR B 91 -10.10 -13.14 -0.51
N THR B 92 -9.51 -12.30 0.34
CA THR B 92 -8.65 -11.17 -0.03
C THR B 92 -9.43 -10.03 -0.67
N ASN B 93 -10.72 -10.19 -0.91
CA ASN B 93 -11.50 -9.15 -1.56
C ASN B 93 -11.57 -7.90 -0.67
N LYS B 94 -11.56 -6.73 -1.31
CA LYS B 94 -11.65 -5.46 -0.61
C LYS B 94 -13.12 -5.12 -0.41
N VAL B 95 -13.59 -5.24 0.83
CA VAL B 95 -14.99 -4.99 1.12
C VAL B 95 -15.36 -3.53 0.85
N HIS B 96 -14.52 -2.60 1.29
CA HIS B 96 -14.80 -1.19 1.14
C HIS B 96 -13.50 -0.42 0.88
N ALA B 97 -13.64 0.73 0.24
CA ALA B 97 -12.55 1.69 0.05
C ALA B 97 -13.04 3.04 0.53
N ILE B 98 -12.38 3.58 1.54
CA ILE B 98 -12.83 4.77 2.25
C ILE B 98 -11.81 5.87 2.04
N PRO B 99 -12.06 6.81 1.12
CA PRO B 99 -11.16 7.97 1.00
C PRO B 99 -11.12 8.77 2.29
N LEU B 100 -9.95 9.31 2.58
CA LEU B 100 -9.71 10.06 3.81
C LEU B 100 -9.45 11.53 3.48
N ARG B 101 -9.94 12.42 4.34
CA ARG B 101 -9.73 13.85 4.13
C ARG B 101 -8.26 14.21 4.18
N SER B 102 -7.47 13.50 4.98
CA SER B 102 -6.04 13.73 5.11
C SER B 102 -5.31 12.44 4.83
N SER B 103 -4.29 12.50 3.96
CA SER B 103 -3.50 11.32 3.63
C SER B 103 -2.61 10.89 4.78
N TRP B 104 -2.40 11.74 5.78
CA TRP B 104 -1.51 11.46 6.90
C TRP B 104 -2.31 10.74 7.98
N VAL B 105 -2.52 9.44 7.77
CA VAL B 105 -3.26 8.57 8.68
C VAL B 105 -2.29 7.55 9.25
N MET B 106 -2.27 7.45 10.59
CA MET B 106 -1.36 6.55 11.28
C MET B 106 -2.06 5.47 12.09
N THR B 107 -3.35 5.65 12.41
CA THR B 107 -4.09 4.70 13.22
C THR B 107 -5.45 4.43 12.61
N CYS B 108 -5.98 3.25 12.89
CA CYS B 108 -7.33 2.87 12.46
C CYS B 108 -7.94 1.97 13.51
N ALA B 109 -9.27 2.02 13.61
CA ALA B 109 -10.00 1.21 14.57
C ALA B 109 -11.23 0.60 13.90
N TYR B 110 -11.58 -0.61 14.33
CA TYR B 110 -12.74 -1.33 13.83
C TYR B 110 -13.71 -1.53 14.99
N ALA B 111 -14.96 -1.09 14.80
CA ALA B 111 -15.93 -1.18 15.87
C ALA B 111 -16.22 -2.66 16.19
N PRO B 112 -16.48 -2.98 17.45
CA PRO B 112 -16.77 -4.38 17.79
C PRO B 112 -17.99 -4.93 17.06
N SER B 113 -19.01 -4.11 16.82
CA SER B 113 -20.19 -4.54 16.08
C SER B 113 -19.98 -4.51 14.58
N GLY B 114 -18.90 -3.90 14.09
CA GLY B 114 -18.65 -3.82 12.66
C GLY B 114 -19.41 -2.74 11.94
N ASN B 115 -20.09 -1.84 12.66
CA ASN B 115 -20.89 -0.81 12.03
C ASN B 115 -20.12 0.50 11.82
N TYR B 116 -19.03 0.71 12.56
CA TYR B 116 -18.28 1.96 12.47
C TYR B 116 -16.79 1.67 12.39
N VAL B 117 -16.07 2.58 11.76
CA VAL B 117 -14.61 2.51 11.65
C VAL B 117 -14.05 3.90 11.88
N ALA B 118 -12.94 3.97 12.63
CA ALA B 118 -12.30 5.24 12.95
C ALA B 118 -10.83 5.18 12.57
N CYS B 119 -10.26 6.35 12.35
CA CYS B 119 -8.85 6.47 11.98
C CYS B 119 -8.36 7.86 12.31
N GLY B 120 -7.06 8.07 12.17
CA GLY B 120 -6.47 9.36 12.43
C GLY B 120 -4.97 9.31 12.22
N GLY B 121 -4.33 10.45 12.47
CA GLY B 121 -2.91 10.57 12.27
C GLY B 121 -2.39 11.94 12.67
N LEU B 122 -1.55 12.54 11.81
CA LEU B 122 -1.01 13.86 12.11
C LEU B 122 -2.13 14.86 12.37
N ASP B 123 -3.25 14.73 11.68
CA ASP B 123 -4.41 15.57 11.96
C ASP B 123 -5.02 15.19 13.29
N ASN B 124 -5.29 16.19 14.13
CA ASN B 124 -5.81 15.92 15.47
C ASN B 124 -7.23 15.37 15.43
N ILE B 125 -7.95 15.55 14.33
CA ILE B 125 -9.33 15.09 14.24
C ILE B 125 -9.34 13.58 13.99
N CYS B 126 -10.13 12.86 14.79
CA CYS B 126 -10.29 11.42 14.64
C CYS B 126 -11.56 11.17 13.84
N SER B 127 -11.40 10.86 12.56
CA SER B 127 -12.55 10.65 11.68
C SER B 127 -13.28 9.36 12.06
N ILE B 128 -14.60 9.40 12.02
CA ILE B 128 -15.46 8.24 12.29
C ILE B 128 -16.23 7.93 11.01
N TYR B 129 -16.16 6.67 10.58
CA TYR B 129 -16.78 6.24 9.34
C TYR B 129 -17.79 5.13 9.62
N ASN B 130 -18.92 5.19 8.92
CA ASN B 130 -20.00 4.22 9.05
C ASN B 130 -19.98 3.27 7.86
N LEU B 131 -19.91 1.97 8.13
CA LEU B 131 -19.89 0.96 7.09
C LEU B 131 -21.28 0.43 6.73
N LYS B 132 -22.31 0.82 7.48
CA LYS B 132 -23.67 0.35 7.24
C LYS B 132 -24.58 1.50 6.80
N THR B 133 -24.02 2.44 6.03
CA THR B 133 -24.79 3.58 5.56
C THR B 133 -25.87 3.14 4.58
N ARG B 134 -27.04 3.78 4.66
CA ARG B 134 -28.09 3.52 3.70
C ARG B 134 -27.66 3.91 2.29
N GLU B 135 -26.86 4.96 2.16
CA GLU B 135 -26.35 5.36 0.86
C GLU B 135 -25.39 4.34 0.26
N GLY B 136 -24.90 3.42 1.05
CA GLY B 136 -23.94 2.42 0.59
C GLY B 136 -22.50 2.87 0.70
N ASN B 137 -22.17 4.01 0.09
CA ASN B 137 -20.83 4.56 0.19
C ASN B 137 -20.54 4.98 1.63
N VAL B 138 -19.29 4.76 2.05
CA VAL B 138 -18.89 5.10 3.41
C VAL B 138 -18.72 6.61 3.52
N ARG B 139 -19.33 7.19 4.55
CA ARG B 139 -19.28 8.63 4.78
C ARG B 139 -18.79 8.89 6.19
N VAL B 140 -18.26 10.10 6.40
CA VAL B 140 -17.74 10.49 7.71
C VAL B 140 -18.92 10.61 8.67
N SER B 141 -19.00 9.68 9.63
CA SER B 141 -20.07 9.74 10.62
C SER B 141 -19.94 10.99 11.49
N ARG B 142 -18.72 11.31 11.92
CA ARG B 142 -18.47 12.49 12.73
C ARG B 142 -16.97 12.67 12.89
N GLU B 143 -16.54 13.93 13.01
CA GLU B 143 -15.15 14.27 13.23
C GLU B 143 -14.95 14.64 14.69
N LEU B 144 -14.06 13.93 15.37
CA LEU B 144 -13.79 14.15 16.79
C LEU B 144 -12.57 15.08 16.89
N ALA B 145 -12.83 16.36 17.02
CA ALA B 145 -11.80 17.38 17.11
C ALA B 145 -11.64 17.87 18.56
N GLY B 146 -10.44 18.33 18.87
CA GLY B 146 -10.14 18.84 20.20
C GLY B 146 -8.74 18.51 20.66
N HIS B 147 -8.12 17.50 20.05
CA HIS B 147 -6.76 17.13 20.38
C HIS B 147 -5.77 18.17 19.86
N THR B 148 -4.72 18.40 20.63
CA THR B 148 -3.64 19.30 20.23
C THR B 148 -2.40 18.56 19.77
N GLY B 149 -2.44 17.23 19.69
CA GLY B 149 -1.32 16.45 19.26
C GLY B 149 -1.73 15.37 18.28
N TYR B 150 -0.74 14.87 17.54
CA TYR B 150 -1.01 13.86 16.52
C TYR B 150 -1.63 12.62 17.15
N LEU B 151 -2.70 12.12 16.53
CA LEU B 151 -3.37 10.94 17.04
C LEU B 151 -2.49 9.71 16.85
N SER B 152 -2.45 8.85 17.87
CA SER B 152 -1.57 7.68 17.89
C SER B 152 -2.31 6.36 17.74
N CYS B 153 -3.41 6.17 18.45
CA CYS B 153 -4.13 4.91 18.40
C CYS B 153 -5.61 5.15 18.64
N CYS B 154 -6.43 4.20 18.19
CA CYS B 154 -7.87 4.26 18.35
C CYS B 154 -8.40 2.88 18.70
N ARG B 155 -9.35 2.83 19.63
CA ARG B 155 -9.97 1.58 20.03
C ARG B 155 -11.42 1.83 20.37
N PHE B 156 -12.32 1.01 19.81
CA PHE B 156 -13.75 1.18 19.98
C PHE B 156 -14.22 0.36 21.18
N LEU B 157 -14.77 1.05 22.18
CA LEU B 157 -15.44 0.36 23.28
C LEU B 157 -16.81 -0.17 22.83
N ASP B 158 -17.51 0.60 22.00
CA ASP B 158 -18.79 0.21 21.44
C ASP B 158 -19.11 1.20 20.32
N ASP B 159 -20.31 1.09 19.76
CA ASP B 159 -20.71 1.99 18.68
C ASP B 159 -20.86 3.42 19.16
N ASN B 160 -20.95 3.65 20.47
CA ASN B 160 -21.17 4.99 21.01
C ASN B 160 -19.97 5.55 21.76
N GLN B 161 -19.04 4.70 22.20
CA GLN B 161 -17.94 5.12 23.05
C GLN B 161 -16.61 4.67 22.44
N ILE B 162 -15.66 5.60 22.36
CA ILE B 162 -14.36 5.34 21.77
C ILE B 162 -13.29 6.03 22.61
N VAL B 163 -12.17 5.34 22.81
CA VAL B 163 -11.03 5.87 23.55
C VAL B 163 -9.91 6.18 22.56
N THR B 164 -9.35 7.39 22.66
CA THR B 164 -8.34 7.86 21.73
C THR B 164 -7.09 8.31 22.48
N SER B 165 -5.94 8.06 21.86
CA SER B 165 -4.66 8.51 22.39
C SER B 165 -3.90 9.24 21.30
N SER B 166 -3.28 10.36 21.65
CA SER B 166 -2.59 11.22 20.69
C SER B 166 -1.28 11.69 21.30
N GLY B 167 -0.63 12.63 20.61
CA GLY B 167 0.60 13.22 21.08
C GLY B 167 0.42 14.34 22.09
N ASP B 168 -0.83 14.63 22.47
CA ASP B 168 -1.09 15.66 23.47
C ASP B 168 -0.58 15.26 24.85
N THR B 169 -0.20 13.99 25.03
CA THR B 169 0.23 13.39 26.30
C THR B 169 -0.99 13.06 27.14
N THR B 170 -2.20 13.30 26.63
CA THR B 170 -3.44 12.99 27.34
C THR B 170 -4.36 12.20 26.43
N CYS B 171 -4.91 11.11 26.96
CA CYS B 171 -5.88 10.31 26.24
C CYS B 171 -7.28 10.85 26.48
N ALA B 172 -8.09 10.86 25.42
CA ALA B 172 -9.41 11.46 25.44
C ALA B 172 -10.48 10.41 25.17
N LEU B 173 -11.57 10.49 25.91
CA LEU B 173 -12.74 9.63 25.70
C LEU B 173 -13.82 10.46 25.02
N TRP B 174 -14.33 9.96 23.89
CA TRP B 174 -15.24 10.70 23.05
C TRP B 174 -16.60 10.00 22.99
N ASP B 175 -17.66 10.80 23.05
CA ASP B 175 -19.01 10.30 22.84
C ASP B 175 -19.38 10.54 21.37
N ILE B 176 -19.53 9.45 20.62
CA ILE B 176 -19.70 9.58 19.17
C ILE B 176 -20.99 10.33 18.84
N GLU B 177 -22.07 10.06 19.59
CA GLU B 177 -23.35 10.68 19.28
C GLU B 177 -23.26 12.20 19.36
N THR B 178 -22.62 12.73 20.41
CA THR B 178 -22.48 14.16 20.57
C THR B 178 -21.13 14.70 20.09
N GLY B 179 -20.12 13.84 20.00
CA GLY B 179 -18.81 14.28 19.54
C GLY B 179 -17.98 15.03 20.55
N GLN B 180 -18.43 15.12 21.80
CA GLN B 180 -17.72 15.84 22.84
C GLN B 180 -16.79 14.90 23.60
N GLN B 181 -15.70 15.47 24.12
CA GLN B 181 -14.73 14.72 24.90
C GLN B 181 -15.34 14.38 26.26
N THR B 182 -15.82 13.14 26.39
CA THR B 182 -16.48 12.75 27.64
C THR B 182 -15.51 12.80 28.82
N THR B 183 -14.29 12.31 28.62
CA THR B 183 -13.30 12.27 29.70
C THR B 183 -11.92 12.51 29.13
N THR B 184 -11.08 13.21 29.89
CA THR B 184 -9.70 13.48 29.53
C THR B 184 -8.79 12.79 30.53
N PHE B 185 -7.86 11.98 30.03
CA PHE B 185 -6.91 11.25 30.85
C PHE B 185 -5.59 11.98 30.85
N THR B 186 -5.09 12.34 32.04
CA THR B 186 -3.86 13.09 32.19
C THR B 186 -2.98 12.42 33.24
N GLY B 187 -1.67 12.64 33.11
CA GLY B 187 -0.70 12.06 34.03
C GLY B 187 0.59 11.65 33.36
N HIS B 188 0.55 11.44 32.04
CA HIS B 188 1.75 11.10 31.30
C HIS B 188 2.66 12.32 31.17
N THR B 189 3.95 12.03 30.96
CA THR B 189 4.95 13.07 30.74
C THR B 189 5.54 12.99 29.33
N GLY B 190 4.84 12.32 28.42
CA GLY B 190 5.32 12.20 27.05
C GLY B 190 4.19 11.83 26.12
N ASP B 191 4.50 11.82 24.83
CA ASP B 191 3.50 11.52 23.82
C ASP B 191 3.03 10.08 23.95
N VAL B 192 1.72 9.87 23.82
CA VAL B 192 1.13 8.55 23.88
C VAL B 192 1.17 7.92 22.50
N MET B 193 1.65 6.69 22.41
CA MET B 193 1.89 6.03 21.14
C MET B 193 1.01 4.81 20.88
N SER B 194 0.42 4.22 21.92
CA SER B 194 -0.35 2.99 21.75
C SER B 194 -1.48 2.95 22.77
N LEU B 195 -2.45 2.08 22.49
CA LEU B 195 -3.60 1.89 23.36
C LEU B 195 -4.00 0.42 23.34
N SER B 196 -4.70 0.00 24.40
CA SER B 196 -5.16 -1.39 24.49
C SER B 196 -6.32 -1.43 25.48
N LEU B 197 -7.46 -1.97 25.04
CA LEU B 197 -8.64 -2.10 25.88
C LEU B 197 -8.70 -3.48 26.50
N ALA B 198 -9.18 -3.53 27.73
CA ALA B 198 -9.31 -4.80 28.44
C ALA B 198 -10.45 -5.62 27.82
N PRO B 199 -10.46 -6.93 28.07
CA PRO B 199 -11.55 -7.76 27.49
C PRO B 199 -12.93 -7.27 27.87
N ASP B 200 -13.11 -6.78 29.10
CA ASP B 200 -14.38 -6.22 29.53
C ASP B 200 -14.54 -4.75 29.16
N THR B 201 -13.48 -4.10 28.68
CA THR B 201 -13.46 -2.70 28.28
C THR B 201 -13.53 -1.75 29.47
N ARG B 202 -13.64 -2.26 30.69
CA ARG B 202 -13.71 -1.37 31.86
C ARG B 202 -12.40 -0.61 32.05
N LEU B 203 -11.27 -1.27 31.85
CA LEU B 203 -9.95 -0.67 32.04
C LEU B 203 -9.16 -0.74 30.74
N PHE B 204 -8.21 0.18 30.60
CA PHE B 204 -7.35 0.23 29.44
C PHE B 204 -6.00 0.82 29.83
N VAL B 205 -4.99 0.54 29.02
CA VAL B 205 -3.63 1.01 29.26
C VAL B 205 -3.12 1.65 27.97
N SER B 206 -2.25 2.65 28.14
CA SER B 206 -1.67 3.39 27.02
C SER B 206 -0.17 3.51 27.21
N GLY B 207 0.57 3.33 26.12
CA GLY B 207 2.01 3.50 26.13
C GLY B 207 2.38 4.94 25.80
N ALA B 208 3.43 5.44 26.46
CA ALA B 208 3.84 6.82 26.31
C ALA B 208 5.34 6.89 26.10
N CYS B 209 5.78 8.02 25.52
CA CYS B 209 7.20 8.24 25.25
C CYS B 209 8.02 8.41 26.52
N ASP B 210 7.37 8.57 27.69
CA ASP B 210 8.08 8.69 28.96
C ASP B 210 8.59 7.35 29.47
N ALA B 211 8.57 6.30 28.64
CA ALA B 211 9.08 4.98 29.03
C ALA B 211 8.27 4.38 30.18
N SER B 212 6.99 4.74 30.26
CA SER B 212 6.11 4.22 31.29
C SER B 212 4.73 3.97 30.69
N ALA B 213 4.04 2.97 31.24
CA ALA B 213 2.69 2.62 30.84
C ALA B 213 1.75 2.87 32.01
N LYS B 214 0.67 3.60 31.76
CA LYS B 214 -0.28 3.99 32.79
C LYS B 214 -1.60 3.30 32.56
N LEU B 215 -2.14 2.69 33.62
CA LEU B 215 -3.44 2.05 33.57
C LEU B 215 -4.51 3.05 33.97
N TRP B 216 -5.61 3.07 33.21
CA TRP B 216 -6.70 4.01 33.44
C TRP B 216 -8.01 3.27 33.60
N ASP B 217 -8.93 3.86 34.36
CA ASP B 217 -10.28 3.35 34.55
C ASP B 217 -11.23 4.24 33.78
N VAL B 218 -11.95 3.65 32.82
CA VAL B 218 -12.86 4.42 31.97
C VAL B 218 -13.99 5.00 32.81
N ARG B 219 -14.58 4.19 33.69
CA ARG B 219 -15.71 4.65 34.49
C ARG B 219 -15.29 5.79 35.41
N GLU B 220 -14.18 5.60 36.13
CA GLU B 220 -13.71 6.63 37.05
C GLU B 220 -13.05 7.80 36.31
N GLY B 221 -12.52 7.55 35.12
CA GLY B 221 -11.87 8.60 34.37
C GLY B 221 -10.59 9.11 35.00
N MET B 222 -9.78 8.22 35.57
CA MET B 222 -8.53 8.61 36.19
C MET B 222 -7.57 7.44 36.16
N CYS B 223 -6.28 7.74 36.33
CA CYS B 223 -5.27 6.70 36.34
C CYS B 223 -5.44 5.78 37.54
N ARG B 224 -5.03 4.52 37.37
CA ARG B 224 -5.04 3.54 38.44
C ARG B 224 -3.65 3.02 38.77
N GLN B 225 -2.83 2.75 37.76
CA GLN B 225 -1.48 2.24 37.96
C GLN B 225 -0.56 2.83 36.90
N THR B 226 0.73 2.87 37.23
CA THR B 226 1.77 3.29 36.30
C THR B 226 2.91 2.28 36.36
N PHE B 227 3.38 1.85 35.19
CA PHE B 227 4.44 0.85 35.08
C PHE B 227 5.66 1.46 34.43
N THR B 228 6.84 1.10 34.94
CA THR B 228 8.11 1.61 34.44
C THR B 228 9.09 0.46 34.28
N GLY B 229 10.20 0.76 33.62
CA GLY B 229 11.24 -0.23 33.37
C GLY B 229 11.85 -0.11 32.00
N HIS B 230 11.11 0.45 31.06
CA HIS B 230 11.61 0.62 29.70
C HIS B 230 12.65 1.74 29.65
N GLU B 231 13.56 1.64 28.69
CA GLU B 231 14.64 2.61 28.52
C GLU B 231 14.37 3.64 27.44
N SER B 232 13.41 3.39 26.54
CA SER B 232 13.13 4.29 25.43
C SER B 232 11.61 4.43 25.29
N ASP B 233 11.19 5.07 24.20
CA ASP B 233 9.78 5.31 23.98
C ASP B 233 9.03 3.99 23.82
N ILE B 234 7.86 3.90 24.46
CA ILE B 234 7.00 2.74 24.34
C ILE B 234 6.10 2.95 23.12
N ASN B 235 6.20 2.05 22.15
CA ASN B 235 5.47 2.20 20.89
C ASN B 235 4.27 1.26 20.78
N ALA B 236 4.28 0.15 21.50
CA ALA B 236 3.22 -0.86 21.39
C ALA B 236 2.78 -1.30 22.77
N ILE B 237 1.52 -1.74 22.85
CA ILE B 237 0.93 -2.22 24.09
C ILE B 237 -0.31 -3.03 23.75
N CYS B 238 -0.50 -4.13 24.47
CA CYS B 238 -1.65 -4.99 24.26
C CYS B 238 -1.96 -5.74 25.53
N PHE B 239 -3.25 -5.90 25.82
CA PHE B 239 -3.69 -6.63 27.00
C PHE B 239 -3.52 -8.13 26.81
N PHE B 240 -3.21 -8.81 27.92
CA PHE B 240 -3.23 -10.26 27.92
C PHE B 240 -4.68 -10.74 27.75
N PRO B 241 -4.90 -11.89 27.09
CA PRO B 241 -6.28 -12.32 26.85
C PRO B 241 -7.12 -12.43 28.12
N ASN B 242 -6.52 -12.83 29.24
CA ASN B 242 -7.26 -12.89 30.49
C ASN B 242 -7.60 -11.51 31.04
N GLY B 243 -6.97 -10.45 30.54
CA GLY B 243 -7.26 -9.10 30.96
C GLY B 243 -6.56 -8.65 32.22
N ASN B 244 -5.71 -9.49 32.81
CA ASN B 244 -5.00 -9.14 34.04
C ASN B 244 -3.58 -8.64 33.80
N ALA B 245 -3.00 -8.92 32.64
CA ALA B 245 -1.63 -8.52 32.33
C ALA B 245 -1.60 -7.92 30.93
N PHE B 246 -0.47 -7.28 30.61
CA PHE B 246 -0.28 -6.67 29.31
C PHE B 246 1.20 -6.60 29.00
N ALA B 247 1.53 -6.67 27.71
CA ALA B 247 2.89 -6.54 27.23
C ALA B 247 3.10 -5.17 26.58
N THR B 248 4.37 -4.78 26.47
CA THR B 248 4.72 -3.48 25.93
C THR B 248 5.91 -3.62 24.98
N GLY B 249 5.99 -2.72 24.03
CA GLY B 249 7.12 -2.64 23.12
C GLY B 249 7.69 -1.24 23.09
N SER B 250 9.01 -1.17 23.00
CA SER B 250 9.70 0.12 23.07
C SER B 250 10.91 0.11 22.15
N ASP B 251 11.45 1.31 21.91
CA ASP B 251 12.56 1.46 20.99
C ASP B 251 13.83 0.77 21.47
N ASP B 252 13.92 0.46 22.76
CA ASP B 252 15.12 -0.15 23.32
C ASP B 252 15.25 -1.63 22.98
N ALA B 253 14.39 -2.16 22.10
CA ALA B 253 14.51 -3.53 21.60
C ALA B 253 14.21 -4.56 22.68
N THR B 254 13.33 -4.23 23.64
CA THR B 254 12.93 -5.15 24.69
C THR B 254 11.43 -5.09 24.86
N CYS B 255 10.81 -6.25 25.09
CA CYS B 255 9.39 -6.37 25.37
C CYS B 255 9.21 -6.84 26.80
N ARG B 256 8.38 -6.14 27.56
CA ARG B 256 8.17 -6.40 28.97
C ARG B 256 6.71 -6.71 29.25
N LEU B 257 6.47 -7.70 30.11
CA LEU B 257 5.12 -8.10 30.49
C LEU B 257 4.84 -7.60 31.90
N PHE B 258 3.70 -6.94 32.08
CA PHE B 258 3.30 -6.37 33.36
C PHE B 258 1.94 -6.92 33.76
N ASP B 259 1.77 -7.15 35.06
CA ASP B 259 0.52 -7.64 35.62
C ASP B 259 -0.15 -6.52 36.41
N LEU B 260 -1.45 -6.31 36.16
CA LEU B 260 -2.17 -5.25 36.85
C LEU B 260 -2.23 -5.53 38.35
N ARG B 261 -2.56 -6.76 38.74
CA ARG B 261 -2.69 -7.09 40.16
C ARG B 261 -1.35 -6.97 40.88
N ALA B 262 -0.29 -7.51 40.28
CA ALA B 262 1.02 -7.44 40.91
C ALA B 262 1.65 -6.06 40.81
N ASP B 263 1.26 -5.26 39.82
CA ASP B 263 1.83 -3.93 39.62
C ASP B 263 3.35 -3.99 39.48
N GLN B 264 3.83 -5.02 38.78
CA GLN B 264 5.27 -5.19 38.58
C GLN B 264 5.50 -5.99 37.31
N GLU B 265 6.70 -5.85 36.76
CA GLU B 265 7.07 -6.59 35.57
C GLU B 265 7.18 -8.08 35.87
N LEU B 266 6.69 -8.90 34.95
CA LEU B 266 6.75 -10.36 35.08
C LEU B 266 7.85 -10.98 34.23
N MET B 267 8.01 -10.53 32.99
CA MET B 267 9.01 -11.11 32.09
C MET B 267 9.50 -10.02 31.14
N THR B 268 10.72 -10.21 30.65
CA THR B 268 11.32 -9.33 29.65
C THR B 268 11.78 -10.17 28.47
N TYR B 269 11.41 -9.76 27.26
CA TYR B 269 11.73 -10.49 26.04
C TYR B 269 12.68 -9.64 25.20
N SER B 270 13.94 -10.07 25.09
CA SER B 270 14.92 -9.37 24.31
C SER B 270 16.00 -10.35 23.88
N HIS B 271 16.73 -9.97 22.83
CA HIS B 271 17.81 -10.79 22.29
C HIS B 271 19.02 -9.91 22.01
N ASP B 272 20.20 -10.50 22.11
CA ASP B 272 21.43 -9.75 21.86
C ASP B 272 21.50 -9.25 20.43
N ASN B 273 21.10 -10.09 19.46
CA ASN B 273 21.19 -9.73 18.06
C ASN B 273 20.05 -8.84 17.59
N ILE B 274 19.04 -8.60 18.43
CA ILE B 274 17.94 -7.70 18.10
C ILE B 274 18.31 -6.33 18.66
N ILE B 275 18.68 -5.41 17.78
CA ILE B 275 19.06 -4.05 18.18
C ILE B 275 17.98 -3.02 17.84
N CYS B 276 17.01 -3.37 17.01
CA CYS B 276 15.96 -2.45 16.63
C CYS B 276 14.80 -2.50 17.62
N GLY B 277 13.99 -1.45 17.60
CA GLY B 277 12.87 -1.33 18.52
C GLY B 277 11.68 -2.16 18.11
N ILE B 278 10.65 -2.10 18.93
CA ILE B 278 9.39 -2.81 18.71
C ILE B 278 8.32 -1.80 18.37
N THR B 279 7.62 -2.03 17.26
CA THR B 279 6.58 -1.14 16.78
C THR B 279 5.18 -1.60 17.15
N SER B 280 4.93 -2.91 17.14
CA SER B 280 3.62 -3.46 17.44
C SER B 280 3.77 -4.67 18.35
N VAL B 281 2.74 -4.92 19.15
CA VAL B 281 2.73 -6.04 20.08
C VAL B 281 1.29 -6.52 20.24
N SER B 282 1.13 -7.84 20.35
CA SER B 282 -0.19 -8.42 20.55
C SER B 282 -0.03 -9.81 21.15
N PHE B 283 -1.13 -10.33 21.69
CA PHE B 283 -1.18 -11.66 22.28
C PHE B 283 -2.12 -12.56 21.47
N SER B 284 -1.81 -13.85 21.47
CA SER B 284 -2.68 -14.83 20.84
C SER B 284 -3.89 -15.08 21.74
N LYS B 285 -4.81 -15.93 21.27
CA LYS B 285 -6.02 -16.19 22.05
C LYS B 285 -5.68 -16.80 23.40
N SER B 286 -4.77 -17.76 23.44
CA SER B 286 -4.36 -18.37 24.69
C SER B 286 -3.41 -17.49 25.49
N GLY B 287 -2.71 -16.56 24.83
CA GLY B 287 -1.75 -15.71 25.51
C GLY B 287 -0.39 -16.32 25.71
N ARG B 288 -0.19 -17.57 25.30
CA ARG B 288 1.11 -18.21 25.48
C ARG B 288 2.14 -17.68 24.49
N LEU B 289 1.71 -17.24 23.32
CA LEU B 289 2.60 -16.72 22.29
C LEU B 289 2.50 -15.21 22.24
N LEU B 290 3.65 -14.53 22.29
CA LEU B 290 3.73 -13.08 22.19
C LEU B 290 4.35 -12.72 20.85
N LEU B 291 3.61 -11.98 20.04
CA LEU B 291 4.05 -11.57 18.71
C LEU B 291 4.28 -10.07 18.70
N ALA B 292 5.47 -9.66 18.27
CA ALA B 292 5.86 -8.25 18.26
C ALA B 292 6.53 -7.91 16.94
N GLY B 293 6.22 -6.72 16.42
CA GLY B 293 6.86 -6.24 15.21
C GLY B 293 8.19 -5.57 15.50
N TYR B 294 9.03 -5.49 14.46
CA TYR B 294 10.36 -4.91 14.58
C TYR B 294 10.67 -4.09 13.34
N ASP B 295 11.71 -3.26 13.45
CA ASP B 295 12.11 -2.38 12.35
C ASP B 295 12.99 -3.08 11.33
N ASP B 296 13.34 -4.35 11.55
CA ASP B 296 14.16 -5.12 10.61
C ASP B 296 13.31 -5.99 9.68
N PHE B 297 12.13 -5.49 9.30
CA PHE B 297 11.21 -6.17 8.38
C PHE B 297 11.11 -7.66 8.70
N ASN B 298 10.80 -7.97 9.96
CA ASN B 298 10.47 -9.32 10.37
C ASN B 298 9.75 -9.27 11.71
N CYS B 299 9.05 -10.36 12.02
CA CYS B 299 8.31 -10.48 13.27
C CYS B 299 8.81 -11.70 14.03
N ASN B 300 8.96 -11.55 15.34
CA ASN B 300 9.45 -12.61 16.22
C ASN B 300 8.36 -12.99 17.21
N VAL B 301 8.16 -14.29 17.39
CA VAL B 301 7.19 -14.82 18.33
C VAL B 301 7.93 -15.21 19.61
N TRP B 302 7.51 -14.65 20.73
CA TRP B 302 8.16 -14.88 22.02
C TRP B 302 7.21 -15.65 22.93
N ASP B 303 7.75 -16.67 23.60
CA ASP B 303 6.97 -17.44 24.56
C ASP B 303 6.66 -16.56 25.76
N ALA B 304 5.37 -16.29 25.99
CA ALA B 304 4.98 -15.42 27.09
C ALA B 304 5.37 -15.99 28.44
N LEU B 305 5.62 -17.30 28.52
CA LEU B 305 5.98 -17.96 29.78
C LEU B 305 7.46 -18.27 29.86
N LYS B 306 8.02 -18.93 28.85
CA LYS B 306 9.43 -19.29 28.85
C LYS B 306 10.34 -18.19 28.31
N ALA B 307 9.77 -17.15 27.71
CA ALA B 307 10.51 -16.01 27.18
C ALA B 307 11.42 -16.39 26.01
N ASP B 308 11.27 -17.59 25.46
CA ASP B 308 12.09 -18.04 24.35
C ASP B 308 11.43 -17.66 23.03
N ARG B 309 12.25 -17.36 22.03
CA ARG B 309 11.76 -17.00 20.70
C ARG B 309 11.28 -18.26 20.01
N ALA B 310 9.96 -18.49 20.05
CA ALA B 310 9.40 -19.70 19.46
C ALA B 310 9.64 -19.74 17.95
N GLY B 311 9.45 -18.62 17.27
CA GLY B 311 9.64 -18.58 15.83
C GLY B 311 9.76 -17.17 15.33
N VAL B 312 10.07 -17.06 14.04
CA VAL B 312 10.24 -15.78 13.36
C VAL B 312 9.34 -15.76 12.14
N LEU B 313 8.54 -14.70 12.01
CA LEU B 313 7.64 -14.53 10.87
C LEU B 313 8.29 -13.53 9.92
N ALA B 314 9.09 -14.04 9.00
CA ALA B 314 9.80 -13.22 8.03
C ALA B 314 9.05 -13.20 6.70
N GLY B 315 9.37 -12.18 5.89
CA GLY B 315 8.73 -12.02 4.60
C GLY B 315 8.49 -10.57 4.24
N HIS B 316 8.49 -9.69 5.23
CA HIS B 316 8.33 -8.27 4.98
C HIS B 316 9.61 -7.68 4.40
N ASP B 317 9.46 -6.56 3.70
CA ASP B 317 10.55 -5.97 2.93
C ASP B 317 11.16 -4.73 3.55
N ASN B 318 10.35 -3.86 4.15
CA ASN B 318 10.83 -2.56 4.63
C ASN B 318 10.81 -2.46 6.15
N ARG B 319 9.65 -2.67 6.77
CA ARG B 319 9.55 -2.57 8.23
C ARG B 319 8.18 -3.03 8.72
N VAL B 320 8.18 -3.79 9.81
CA VAL B 320 6.92 -4.21 10.43
C VAL B 320 6.45 -3.08 11.34
N SER B 321 5.26 -2.55 11.06
CA SER B 321 4.70 -1.42 11.80
C SER B 321 3.52 -1.80 12.68
N CYS B 322 2.59 -2.61 12.17
CA CYS B 322 1.40 -2.99 12.91
C CYS B 322 1.23 -4.50 12.85
N LEU B 323 0.65 -5.04 13.92
CA LEU B 323 0.43 -6.48 14.04
C LEU B 323 -0.83 -6.71 14.88
N GLY B 324 -1.63 -7.69 14.49
CA GLY B 324 -2.85 -8.00 15.20
C GLY B 324 -3.23 -9.45 15.05
N VAL B 325 -4.01 -9.93 16.01
CA VAL B 325 -4.45 -11.32 16.06
C VAL B 325 -5.98 -11.34 16.01
N THR B 326 -6.53 -12.26 15.22
CA THR B 326 -7.98 -12.39 15.13
C THR B 326 -8.58 -12.61 16.51
N ASP B 327 -9.90 -12.41 16.60
CA ASP B 327 -10.60 -12.60 17.86
C ASP B 327 -10.46 -14.03 18.36
N ASP B 328 -10.59 -15.00 17.45
CA ASP B 328 -10.45 -16.40 17.79
C ASP B 328 -9.02 -16.91 17.69
N GLY B 329 -8.08 -16.07 17.27
CA GLY B 329 -6.70 -16.51 17.16
C GLY B 329 -6.41 -17.40 15.98
N MET B 330 -7.33 -17.50 15.01
CA MET B 330 -7.12 -18.39 13.88
C MET B 330 -5.90 -17.98 13.06
N ALA B 331 -5.72 -16.69 12.83
CA ALA B 331 -4.62 -16.21 12.01
C ALA B 331 -4.14 -14.86 12.53
N VAL B 332 -2.93 -14.50 12.14
CA VAL B 332 -2.30 -13.24 12.52
C VAL B 332 -1.99 -12.47 11.25
N ALA B 333 -2.42 -11.21 11.21
CA ALA B 333 -2.16 -10.32 10.10
C ALA B 333 -1.18 -9.23 10.53
N THR B 334 -0.09 -9.07 9.79
CA THR B 334 0.97 -8.13 10.12
C THR B 334 1.17 -7.18 8.96
N GLY B 335 1.01 -5.88 9.22
CA GLY B 335 1.28 -4.88 8.22
C GLY B 335 2.74 -4.47 8.19
N SER B 336 3.11 -3.75 7.14
CA SER B 336 4.49 -3.32 6.97
C SER B 336 4.52 -2.09 6.06
N TRP B 337 5.66 -1.41 6.08
CA TRP B 337 5.84 -0.19 5.29
C TRP B 337 5.90 -0.46 3.78
N ASP B 338 6.04 -1.72 3.37
CA ASP B 338 6.10 -2.04 1.95
C ASP B 338 4.72 -2.06 1.29
N SER B 339 3.68 -1.58 1.97
CA SER B 339 2.33 -1.50 1.43
C SER B 339 1.71 -2.88 1.24
N PHE B 340 2.02 -3.82 2.11
CA PHE B 340 1.47 -5.17 2.04
C PHE B 340 1.17 -5.68 3.44
N LEU B 341 0.04 -6.37 3.57
CA LEU B 341 -0.35 -7.03 4.81
C LEU B 341 -0.38 -8.53 4.57
N LYS B 342 0.35 -9.28 5.40
CA LYS B 342 0.45 -10.73 5.26
C LYS B 342 -0.28 -11.39 6.42
N ILE B 343 -1.19 -12.31 6.10
CA ILE B 343 -1.95 -13.06 7.09
C ILE B 343 -1.27 -14.39 7.32
N TRP B 344 -0.97 -14.69 8.57
CA TRP B 344 -0.25 -15.92 8.93
C TRP B 344 -1.16 -16.87 9.70
N GLN C 3 -34.03 6.53 -3.24
CA GLN C 3 -35.31 6.03 -3.80
C GLN C 3 -35.18 5.73 -5.29
N LEU C 4 -36.03 4.84 -5.79
CA LEU C 4 -36.02 4.42 -7.19
C LEU C 4 -37.41 4.63 -7.77
N VAL C 5 -37.47 5.28 -8.94
CA VAL C 5 -38.71 5.52 -9.65
C VAL C 5 -38.51 5.14 -11.11
N GLU C 6 -39.52 4.49 -11.68
CA GLU C 6 -39.46 3.97 -13.04
C GLU C 6 -40.42 4.71 -13.94
N SER C 7 -40.03 4.86 -15.21
CA SER C 7 -40.87 5.50 -16.21
C SER C 7 -40.62 4.85 -17.56
N GLY C 8 -41.64 4.88 -18.41
CA GLY C 8 -41.54 4.29 -19.73
C GLY C 8 -42.64 3.29 -20.04
N GLY C 9 -43.56 3.09 -19.09
CA GLY C 9 -44.64 2.15 -19.29
C GLY C 9 -45.73 2.70 -20.19
N GLY C 10 -46.64 1.82 -20.55
CA GLY C 10 -47.76 2.18 -21.40
C GLY C 10 -48.20 0.98 -22.22
N LEU C 11 -48.80 1.28 -23.38
CA LEU C 11 -49.31 0.26 -24.29
C LEU C 11 -48.36 0.13 -25.48
N VAL C 12 -47.92 -1.10 -25.75
CA VAL C 12 -46.99 -1.38 -26.84
C VAL C 12 -47.53 -2.58 -27.61
N GLN C 13 -47.56 -2.48 -28.93
CA GLN C 13 -48.03 -3.57 -29.76
C GLN C 13 -47.02 -4.72 -29.72
N PRO C 14 -47.47 -5.96 -29.93
CA PRO C 14 -46.54 -7.08 -29.94
C PRO C 14 -45.45 -6.91 -30.99
N GLY C 15 -44.24 -7.31 -30.64
CA GLY C 15 -43.11 -7.21 -31.53
C GLY C 15 -42.47 -5.83 -31.61
N GLY C 16 -42.98 -4.85 -30.88
CA GLY C 16 -42.44 -3.51 -30.88
C GLY C 16 -41.29 -3.34 -29.91
N SER C 17 -40.86 -2.09 -29.76
CA SER C 17 -39.77 -1.73 -28.86
C SER C 17 -40.20 -0.56 -27.99
N ARG C 18 -39.73 -0.57 -26.74
CA ARG C 18 -40.05 0.49 -25.80
C ARG C 18 -38.89 0.62 -24.82
N LYS C 19 -38.38 1.83 -24.66
CA LYS C 19 -37.27 2.08 -23.75
C LYS C 19 -37.78 2.23 -22.32
N LEU C 20 -37.13 1.53 -21.39
CA LEU C 20 -37.46 1.60 -19.98
C LEU C 20 -36.27 2.18 -19.23
N SER C 21 -36.53 3.17 -18.37
CA SER C 21 -35.49 3.88 -17.65
C SER C 21 -35.78 3.85 -16.16
N CYS C 22 -34.70 3.86 -15.37
CA CYS C 22 -34.79 3.90 -13.92
C CYS C 22 -33.84 4.97 -13.41
N SER C 23 -34.39 5.98 -12.75
CA SER C 23 -33.60 7.07 -12.19
C SER C 23 -33.26 6.75 -10.73
N ALA C 24 -31.99 6.89 -10.39
CA ALA C 24 -31.49 6.57 -9.06
C ALA C 24 -31.06 7.85 -8.35
N SER C 25 -31.47 7.99 -7.09
CA SER C 25 -31.10 9.14 -6.28
C SER C 25 -31.07 8.73 -4.82
N GLY C 26 -30.33 9.51 -4.03
CA GLY C 26 -30.22 9.24 -2.61
C GLY C 26 -29.20 8.19 -2.22
N PHE C 27 -28.43 7.67 -3.19
CA PHE C 27 -27.41 6.68 -2.88
C PHE C 27 -26.41 6.65 -4.02
N ALA C 28 -25.25 6.04 -3.76
CA ALA C 28 -24.17 5.94 -4.73
C ALA C 28 -24.54 4.87 -5.75
N PHE C 29 -25.30 5.28 -6.76
CA PHE C 29 -25.76 4.35 -7.78
C PHE C 29 -24.60 3.67 -8.50
N SER C 30 -23.44 4.32 -8.55
CA SER C 30 -22.30 3.75 -9.26
C SER C 30 -21.86 2.43 -8.64
N SER C 31 -21.84 2.37 -7.31
CA SER C 31 -21.33 1.20 -6.61
C SER C 31 -22.40 0.17 -6.30
N PHE C 32 -23.64 0.38 -6.73
CA PHE C 32 -24.75 -0.52 -6.46
C PHE C 32 -25.08 -1.32 -7.71
N GLY C 33 -25.16 -2.64 -7.58
CA GLY C 33 -25.63 -3.46 -8.67
C GLY C 33 -27.12 -3.29 -8.89
N MET C 34 -27.55 -3.48 -10.14
CA MET C 34 -28.93 -3.26 -10.54
C MET C 34 -29.51 -4.53 -11.13
N HIS C 35 -30.74 -4.85 -10.73
CA HIS C 35 -31.49 -5.97 -11.28
C HIS C 35 -32.85 -5.48 -11.75
N TRP C 36 -33.37 -6.13 -12.79
CA TRP C 36 -34.70 -5.87 -13.30
C TRP C 36 -35.58 -7.09 -13.03
N VAL C 37 -36.66 -6.87 -12.30
CA VAL C 37 -37.60 -7.93 -11.94
C VAL C 37 -38.99 -7.51 -12.39
N ARG C 38 -39.67 -8.38 -13.12
CA ARG C 38 -41.02 -8.11 -13.61
C ARG C 38 -42.01 -9.03 -12.91
N GLN C 39 -43.18 -8.48 -12.57
CA GLN C 39 -44.25 -9.23 -11.93
C GLN C 39 -45.51 -9.10 -12.78
N ALA C 40 -46.04 -10.23 -13.23
CA ALA C 40 -47.26 -10.24 -13.99
C ALA C 40 -48.43 -9.85 -13.10
N PRO C 41 -49.53 -9.36 -13.69
CA PRO C 41 -50.66 -8.92 -12.86
C PRO C 41 -51.27 -10.01 -12.02
N GLU C 42 -51.05 -11.29 -12.36
CA GLU C 42 -51.65 -12.38 -11.61
C GLU C 42 -50.65 -13.52 -11.37
N LYS C 43 -49.37 -13.19 -11.24
CA LYS C 43 -48.35 -14.20 -10.95
C LYS C 43 -47.27 -13.56 -10.09
N GLY C 44 -46.23 -14.34 -9.78
CA GLY C 44 -45.16 -13.91 -8.92
C GLY C 44 -44.08 -13.15 -9.65
N LEU C 45 -43.00 -12.87 -8.92
CA LEU C 45 -41.88 -12.12 -9.47
C LEU C 45 -41.10 -12.97 -10.46
N GLU C 46 -40.37 -12.29 -11.36
CA GLU C 46 -39.54 -12.96 -12.35
C GLU C 46 -38.37 -12.05 -12.69
N TRP C 47 -37.15 -12.54 -12.46
CA TRP C 47 -35.96 -11.76 -12.76
C TRP C 47 -35.81 -11.57 -14.27
N VAL C 48 -35.38 -10.38 -14.66
CA VAL C 48 -35.24 -10.02 -16.07
C VAL C 48 -33.76 -9.95 -16.48
N ALA C 49 -33.00 -9.05 -15.85
CA ALA C 49 -31.60 -8.87 -16.20
C ALA C 49 -30.86 -8.28 -15.01
N TYR C 50 -29.54 -8.41 -15.04
CA TYR C 50 -28.67 -7.89 -13.99
C TYR C 50 -27.44 -7.27 -14.62
N ILE C 51 -27.03 -6.11 -14.09
CA ILE C 51 -25.81 -5.43 -14.51
C ILE C 51 -25.01 -5.08 -13.28
N SER C 52 -23.72 -5.40 -13.30
CA SER C 52 -22.85 -5.12 -12.17
C SER C 52 -22.39 -3.67 -12.18
N SER C 53 -21.80 -3.25 -11.07
CA SER C 53 -21.27 -1.89 -10.98
C SER C 53 -20.20 -1.68 -12.03
N GLY C 54 -20.28 -0.55 -12.74
CA GLY C 54 -19.35 -0.26 -13.80
C GLY C 54 -19.64 -0.96 -15.11
N SER C 55 -20.75 -1.70 -15.20
CA SER C 55 -21.12 -2.42 -16.43
C SER C 55 -20.07 -3.46 -16.79
N GLY C 56 -19.32 -3.96 -15.81
CA GLY C 56 -18.31 -4.97 -16.08
C GLY C 56 -18.87 -6.35 -16.34
N THR C 57 -20.08 -6.63 -15.83
CA THR C 57 -20.72 -7.92 -16.03
C THR C 57 -22.21 -7.71 -16.25
N ILE C 58 -22.76 -8.36 -17.27
CA ILE C 58 -24.17 -8.23 -17.62
C ILE C 58 -24.74 -9.62 -17.86
N TYR C 59 -25.89 -9.91 -17.25
CA TYR C 59 -26.57 -11.19 -17.39
C TYR C 59 -28.03 -10.96 -17.77
N TYR C 60 -28.59 -11.92 -18.48
CA TYR C 60 -29.99 -11.89 -18.87
C TYR C 60 -30.61 -13.27 -18.65
N ALA C 61 -31.91 -13.29 -18.41
CA ALA C 61 -32.63 -14.54 -18.29
C ALA C 61 -32.82 -15.18 -19.66
N ASP C 62 -33.03 -16.49 -19.65
CA ASP C 62 -33.21 -17.22 -20.91
C ASP C 62 -34.43 -16.72 -21.68
N THR C 63 -35.44 -16.23 -20.96
CA THR C 63 -36.65 -15.76 -21.63
C THR C 63 -36.47 -14.40 -22.29
N VAL C 64 -35.44 -13.64 -21.90
CA VAL C 64 -35.25 -12.28 -22.42
C VAL C 64 -33.84 -12.14 -23.00
N LYS C 65 -33.14 -13.25 -23.17
CA LYS C 65 -31.79 -13.21 -23.70
C LYS C 65 -31.81 -12.61 -25.11
N GLY C 66 -30.91 -11.66 -25.36
CA GLY C 66 -30.83 -11.02 -26.67
C GLY C 66 -31.84 -9.92 -26.90
N ARG C 67 -33.12 -10.20 -26.67
CA ARG C 67 -34.16 -9.20 -26.90
C ARG C 67 -33.97 -7.99 -25.99
N PHE C 68 -33.67 -8.23 -24.72
CA PHE C 68 -33.52 -7.17 -23.73
C PHE C 68 -32.05 -6.88 -23.48
N THR C 69 -31.71 -5.58 -23.50
CA THR C 69 -30.36 -5.12 -23.22
C THR C 69 -30.41 -4.16 -22.04
N ILE C 70 -29.47 -4.31 -21.10
CA ILE C 70 -29.42 -3.51 -19.89
C ILE C 70 -28.12 -2.70 -19.91
N SER C 71 -28.23 -1.40 -19.65
CA SER C 71 -27.09 -0.50 -19.65
C SER C 71 -27.22 0.48 -18.50
N ARG C 72 -26.09 1.08 -18.15
CA ARG C 72 -26.03 2.06 -17.06
C ARG C 72 -25.39 3.34 -17.56
N ASP C 73 -25.73 4.45 -16.90
CA ASP C 73 -25.15 5.77 -17.20
C ASP C 73 -24.87 6.43 -15.85
N ASP C 74 -23.67 6.22 -15.33
CA ASP C 74 -23.32 6.71 -14.01
C ASP C 74 -23.47 8.22 -13.86
N PRO C 75 -23.02 9.04 -14.82
CA PRO C 75 -23.12 10.50 -14.60
C PRO C 75 -24.52 10.98 -14.28
N LYS C 76 -25.54 10.41 -14.92
CA LYS C 76 -26.93 10.78 -14.63
C LYS C 76 -27.58 9.87 -13.61
N ASN C 77 -26.86 8.87 -13.09
CA ASN C 77 -27.40 7.95 -12.09
C ASN C 77 -28.70 7.33 -12.59
N THR C 78 -28.72 6.91 -13.85
CA THR C 78 -29.89 6.33 -14.48
C THR C 78 -29.55 4.96 -15.04
N LEU C 79 -30.51 4.04 -14.94
CA LEU C 79 -30.38 2.68 -15.46
C LEU C 79 -31.38 2.50 -16.58
N PHE C 80 -30.92 1.94 -17.70
CA PHE C 80 -31.74 1.78 -18.89
C PHE C 80 -31.87 0.30 -19.23
N LEU C 81 -33.03 -0.06 -19.82
CA LEU C 81 -33.31 -1.43 -20.24
C LEU C 81 -33.94 -1.36 -21.62
N GLN C 82 -33.13 -1.58 -22.66
CA GLN C 82 -33.63 -1.54 -24.03
C GLN C 82 -34.41 -2.82 -24.33
N MET C 83 -35.69 -2.67 -24.62
CA MET C 83 -36.59 -3.79 -24.86
C MET C 83 -37.08 -3.76 -26.30
N THR C 84 -36.92 -4.87 -27.00
CA THR C 84 -37.31 -4.98 -28.40
C THR C 84 -37.96 -6.33 -28.65
N SER C 85 -38.79 -6.38 -29.70
CA SER C 85 -39.48 -7.61 -30.10
C SER C 85 -40.25 -8.20 -28.91
N LEU C 86 -41.04 -7.35 -28.26
CA LEU C 86 -41.80 -7.77 -27.10
C LEU C 86 -42.86 -8.79 -27.48
N ARG C 87 -42.99 -9.82 -26.65
CA ARG C 87 -44.02 -10.84 -26.81
C ARG C 87 -45.22 -10.52 -25.91
N SER C 88 -46.29 -11.31 -26.10
CA SER C 88 -47.47 -11.13 -25.27
C SER C 88 -47.16 -11.43 -23.80
N GLU C 89 -46.37 -12.48 -23.55
CA GLU C 89 -46.04 -12.85 -22.18
C GLU C 89 -45.18 -11.81 -21.48
N ASP C 90 -44.57 -10.87 -22.21
CA ASP C 90 -43.71 -9.88 -21.59
C ASP C 90 -44.49 -8.87 -20.75
N THR C 91 -45.81 -8.84 -20.85
CA THR C 91 -46.60 -7.91 -20.05
C THR C 91 -46.40 -8.21 -18.56
N ALA C 92 -45.97 -7.19 -17.82
CA ALA C 92 -45.72 -7.33 -16.39
C ALA C 92 -45.29 -5.97 -15.85
N MET C 93 -45.32 -5.85 -14.52
CA MET C 93 -44.87 -4.65 -13.84
C MET C 93 -43.40 -4.81 -13.50
N TYR C 94 -42.55 -3.96 -14.09
CA TYR C 94 -41.12 -4.05 -13.91
C TYR C 94 -40.69 -3.28 -12.67
N TYR C 95 -39.83 -3.90 -11.85
CA TYR C 95 -39.33 -3.31 -10.62
C TYR C 95 -37.84 -3.04 -10.75
N CYS C 96 -37.43 -1.85 -10.34
CA CYS C 96 -36.01 -1.46 -10.35
C CYS C 96 -35.43 -1.80 -8.98
N VAL C 97 -34.51 -2.77 -8.95
CA VAL C 97 -33.98 -3.33 -7.72
C VAL C 97 -32.56 -2.83 -7.52
N ARG C 98 -32.25 -2.42 -6.30
CA ARG C 98 -30.90 -1.99 -5.91
C ARG C 98 -30.21 -3.11 -5.15
N SER C 99 -28.93 -3.31 -5.43
CA SER C 99 -28.17 -4.37 -4.78
C SER C 99 -26.69 -4.02 -4.78
N ILE C 100 -26.00 -4.47 -3.73
CA ILE C 100 -24.56 -4.33 -3.61
C ILE C 100 -24.00 -5.65 -3.08
N TYR C 101 -22.86 -6.06 -3.63
CA TYR C 101 -22.28 -7.37 -3.34
C TYR C 101 -20.96 -7.21 -2.60
N TYR C 102 -20.95 -7.54 -1.31
CA TYR C 102 -19.74 -7.65 -0.54
C TYR C 102 -20.07 -8.44 0.73
N TYR C 103 -19.02 -8.88 1.42
CA TYR C 103 -19.23 -9.68 2.62
C TYR C 103 -20.06 -8.89 3.63
N GLY C 104 -21.13 -9.51 4.11
CA GLY C 104 -22.04 -8.85 5.03
C GLY C 104 -23.01 -7.90 4.39
N SER C 105 -23.07 -7.84 3.07
CA SER C 105 -23.96 -6.93 2.38
C SER C 105 -25.40 -7.47 2.39
N SER C 106 -26.32 -6.65 1.88
CA SER C 106 -27.74 -6.99 1.81
C SER C 106 -28.23 -6.71 0.39
N PRO C 107 -27.93 -7.60 -0.56
CA PRO C 107 -28.42 -7.40 -1.93
C PRO C 107 -29.94 -7.40 -1.98
N PHE C 108 -30.47 -6.65 -2.96
CA PHE C 108 -31.92 -6.53 -3.16
C PHE C 108 -32.59 -5.86 -1.97
N ASP C 109 -31.85 -5.05 -1.23
CA ASP C 109 -32.41 -4.40 -0.05
C ASP C 109 -33.53 -3.45 -0.42
N PHE C 110 -33.37 -2.68 -1.49
CA PHE C 110 -34.34 -1.66 -1.88
C PHE C 110 -34.91 -2.00 -3.26
N TRP C 111 -36.23 -1.83 -3.38
CA TRP C 111 -36.94 -2.06 -4.63
C TRP C 111 -37.68 -0.79 -5.03
N GLY C 112 -37.65 -0.47 -6.33
CA GLY C 112 -38.33 0.71 -6.81
C GLY C 112 -39.84 0.53 -6.85
N GLN C 113 -40.53 1.65 -7.02
CA GLN C 113 -41.99 1.61 -7.08
C GLN C 113 -42.46 0.77 -8.26
N GLY C 114 -41.81 0.90 -9.41
CA GLY C 114 -42.13 0.12 -10.58
C GLY C 114 -43.16 0.80 -11.47
N THR C 115 -43.24 0.31 -12.71
CA THR C 115 -44.18 0.80 -13.70
C THR C 115 -44.91 -0.37 -14.33
N THR C 116 -46.16 -0.13 -14.73
CA THR C 116 -46.99 -1.15 -15.32
C THR C 116 -46.86 -1.14 -16.84
N LEU C 117 -46.50 -2.28 -17.41
CA LEU C 117 -46.34 -2.45 -18.85
C LEU C 117 -47.38 -3.45 -19.35
N THR C 118 -48.12 -3.05 -20.38
CA THR C 118 -49.14 -3.91 -20.97
C THR C 118 -49.02 -3.85 -22.48
N VAL C 119 -49.40 -4.95 -23.14
CA VAL C 119 -49.37 -5.06 -24.59
C VAL C 119 -50.69 -5.62 -25.07
N SER C 120 -51.04 -5.32 -26.32
CA SER C 120 -52.27 -5.81 -26.91
C SER C 120 -52.11 -7.26 -27.36
N SER C 121 -53.25 -7.91 -27.61
CA SER C 121 -53.25 -9.30 -28.05
C SER C 121 -54.54 -9.62 -28.81
N SER C 136 -32.55 -25.26 -17.25
CA SER C 136 -31.84 -25.87 -16.13
C SER C 136 -31.79 -24.93 -14.93
N ASP C 137 -32.76 -24.03 -14.85
CA ASP C 137 -32.82 -23.08 -13.75
C ASP C 137 -33.24 -23.79 -12.47
N ILE C 138 -32.87 -23.18 -11.33
CA ILE C 138 -33.23 -23.72 -10.03
C ILE C 138 -34.73 -23.51 -9.81
N VAL C 139 -35.45 -24.58 -9.51
CA VAL C 139 -36.89 -24.52 -9.32
C VAL C 139 -37.19 -24.17 -7.87
N MET C 140 -37.98 -23.13 -7.67
CA MET C 140 -38.40 -22.69 -6.34
C MET C 140 -39.88 -23.01 -6.16
N THR C 141 -40.19 -23.74 -5.09
CA THR C 141 -41.55 -24.23 -4.84
C THR C 141 -42.04 -23.73 -3.48
N GLN C 142 -43.30 -23.31 -3.45
CA GLN C 142 -43.97 -22.86 -2.22
C GLN C 142 -45.34 -23.54 -2.19
N ALA C 143 -45.40 -24.72 -1.58
CA ALA C 143 -46.66 -25.47 -1.52
C ALA C 143 -47.71 -24.71 -0.72
N THR C 144 -47.28 -23.93 0.27
CA THR C 144 -48.21 -23.17 1.12
C THR C 144 -48.69 -21.97 0.32
N SER C 145 -49.74 -22.19 -0.48
CA SER C 145 -50.23 -21.13 -1.35
C SER C 145 -50.78 -19.95 -0.55
N SER C 146 -51.58 -20.23 0.49
CA SER C 146 -52.18 -19.17 1.29
C SER C 146 -52.37 -19.66 2.71
N VAL C 147 -52.38 -18.72 3.65
CA VAL C 147 -52.59 -19.00 5.07
C VAL C 147 -53.33 -17.85 5.70
N PRO C 148 -54.66 -17.92 5.83
CA PRO C 148 -55.38 -16.85 6.55
C PRO C 148 -54.84 -16.70 7.96
N VAL C 149 -54.60 -15.45 8.37
CA VAL C 149 -53.98 -15.15 9.65
C VAL C 149 -54.67 -13.96 10.28
N THR C 150 -54.48 -13.82 11.59
CA THR C 150 -55.00 -12.72 12.38
C THR C 150 -53.93 -12.26 13.34
N PRO C 151 -54.02 -11.04 13.86
CA PRO C 151 -52.99 -10.56 14.79
C PRO C 151 -52.86 -11.46 16.01
N GLY C 152 -51.62 -11.62 16.47
CA GLY C 152 -51.33 -12.41 17.65
C GLY C 152 -51.04 -13.87 17.38
N GLU C 153 -51.10 -14.31 16.13
CA GLU C 153 -50.89 -15.71 15.78
C GLU C 153 -49.55 -15.88 15.07
N SER C 154 -48.78 -16.86 15.53
CA SER C 154 -47.50 -17.16 14.88
C SER C 154 -47.74 -17.76 13.50
N VAL C 155 -46.78 -17.55 12.61
CA VAL C 155 -46.89 -17.98 11.23
C VAL C 155 -45.60 -18.65 10.81
N SER C 156 -45.71 -19.74 10.05
CA SER C 156 -44.57 -20.45 9.47
C SER C 156 -44.79 -20.62 7.98
N ILE C 157 -43.81 -20.21 7.19
CA ILE C 157 -43.87 -20.30 5.73
C ILE C 157 -42.74 -21.21 5.27
N SER C 158 -43.07 -22.22 4.49
CA SER C 158 -42.11 -23.21 4.02
C SER C 158 -41.82 -23.00 2.54
N CYS C 159 -40.53 -22.96 2.19
CA CYS C 159 -40.09 -22.84 0.81
C CYS C 159 -39.12 -23.98 0.50
N ARG C 160 -39.25 -24.55 -0.69
CA ARG C 160 -38.43 -25.67 -1.12
C ARG C 160 -37.76 -25.33 -2.45
N SER C 161 -36.55 -25.86 -2.62
CA SER C 161 -35.76 -25.65 -3.83
C SER C 161 -35.25 -26.98 -4.35
N SER C 162 -35.06 -27.05 -5.68
CA SER C 162 -34.57 -28.26 -6.31
C SER C 162 -33.08 -28.47 -6.15
N LYS C 163 -32.35 -27.46 -5.67
CA LYS C 163 -30.91 -27.56 -5.48
C LYS C 163 -30.55 -27.08 -4.07
N SER C 164 -29.51 -27.67 -3.51
CA SER C 164 -29.06 -27.30 -2.18
C SER C 164 -28.40 -25.92 -2.22
N LEU C 165 -28.86 -25.01 -1.37
CA LEU C 165 -28.33 -23.65 -1.35
C LEU C 165 -27.13 -23.48 -0.43
N LEU C 166 -26.74 -24.53 0.29
CA LEU C 166 -25.59 -24.46 1.19
C LEU C 166 -24.32 -24.56 0.35
N HIS C 167 -23.71 -23.42 0.05
CA HIS C 167 -22.52 -23.39 -0.78
C HIS C 167 -21.31 -23.86 0.00
N SER C 168 -20.25 -24.22 -0.74
CA SER C 168 -19.04 -24.72 -0.10
C SER C 168 -18.43 -23.68 0.83
N ASN C 169 -18.60 -22.39 0.52
CA ASN C 169 -18.06 -21.34 1.38
C ASN C 169 -18.78 -21.24 2.72
N GLY C 170 -19.92 -21.91 2.88
CA GLY C 170 -20.67 -21.89 4.11
C GLY C 170 -21.86 -20.95 4.09
N ASN C 171 -21.99 -20.09 3.09
CA ASN C 171 -23.10 -19.15 3.01
C ASN C 171 -24.28 -19.78 2.27
N THR C 172 -25.44 -19.76 2.91
CA THR C 172 -26.68 -20.24 2.31
C THR C 172 -27.36 -19.06 1.64
N TYR C 173 -27.40 -19.08 0.30
CA TYR C 173 -27.89 -17.94 -0.48
C TYR C 173 -29.39 -18.08 -0.68
N LEU C 174 -30.15 -17.60 0.29
CA LEU C 174 -31.61 -17.56 0.22
C LEU C 174 -32.08 -16.17 0.61
N TYR C 175 -33.05 -15.64 -0.15
CA TYR C 175 -33.58 -14.31 0.08
C TYR C 175 -35.09 -14.38 0.19
N TRP C 176 -35.64 -13.62 1.15
CA TRP C 176 -37.08 -13.56 1.39
C TRP C 176 -37.55 -12.13 1.13
N PHE C 177 -38.63 -12.00 0.36
CA PHE C 177 -39.19 -10.70 0.01
C PHE C 177 -40.67 -10.68 0.35
N LEU C 178 -41.11 -9.57 0.95
CA LEU C 178 -42.52 -9.37 1.32
C LEU C 178 -43.06 -8.23 0.49
N GLN C 179 -44.16 -8.49 -0.23
CA GLN C 179 -44.81 -7.50 -1.09
C GLN C 179 -46.20 -7.21 -0.54
N ARG C 180 -46.35 -6.04 0.09
CA ARG C 180 -47.65 -5.61 0.56
C ARG C 180 -48.52 -5.20 -0.63
N PRO C 181 -49.84 -5.22 -0.47
CA PRO C 181 -50.71 -4.82 -1.58
C PRO C 181 -50.57 -3.33 -1.87
N GLY C 182 -50.36 -3.00 -3.14
CA GLY C 182 -50.14 -1.62 -3.54
C GLY C 182 -48.74 -1.11 -3.31
N GLN C 183 -47.82 -1.96 -2.88
CA GLN C 183 -46.43 -1.58 -2.63
C GLN C 183 -45.49 -2.60 -3.24
N SER C 184 -44.29 -2.15 -3.59
CA SER C 184 -43.30 -3.03 -4.19
C SER C 184 -42.73 -3.99 -3.14
N PRO C 185 -42.18 -5.11 -3.57
CA PRO C 185 -41.59 -6.06 -2.61
C PRO C 185 -40.44 -5.42 -1.85
N GLN C 186 -40.30 -5.82 -0.59
CA GLN C 186 -39.23 -5.35 0.28
C GLN C 186 -38.45 -6.54 0.83
N LEU C 187 -37.14 -6.38 0.91
CA LEU C 187 -36.30 -7.44 1.45
C LEU C 187 -36.66 -7.71 2.90
N LEU C 188 -36.79 -9.00 3.24
CA LEU C 188 -37.13 -9.43 4.59
C LEU C 188 -35.96 -10.12 5.28
N ILE C 189 -35.42 -11.17 4.67
CA ILE C 189 -34.25 -11.88 5.19
C ILE C 189 -33.35 -12.23 4.02
N TYR C 190 -32.05 -12.01 4.20
CA TYR C 190 -31.06 -12.30 3.18
C TYR C 190 -30.03 -13.28 3.74
N ARG C 191 -29.68 -14.28 2.94
CA ARG C 191 -28.84 -15.41 3.35
C ARG C 191 -29.46 -16.23 4.47
N MET C 192 -30.78 -16.13 4.64
CA MET C 192 -31.56 -17.01 5.51
C MET C 192 -31.29 -16.73 6.99
N SER C 193 -30.33 -15.86 7.29
CA SER C 193 -29.93 -15.62 8.67
C SER C 193 -29.84 -14.14 9.06
N ASN C 194 -29.72 -13.23 8.12
CA ASN C 194 -29.56 -11.81 8.41
C ASN C 194 -30.82 -11.06 8.00
N LEU C 195 -31.35 -10.26 8.93
CA LEU C 195 -32.53 -9.45 8.65
C LEU C 195 -32.11 -8.13 8.00
N ALA C 196 -32.88 -7.72 7.00
CA ALA C 196 -32.58 -6.48 6.29
C ALA C 196 -32.72 -5.28 7.22
N SER C 197 -31.90 -4.26 6.98
CA SER C 197 -31.93 -3.06 7.81
C SER C 197 -33.32 -2.44 7.78
N GLY C 198 -33.83 -2.09 8.97
CA GLY C 198 -35.14 -1.54 9.12
C GLY C 198 -36.24 -2.55 9.33
N VAL C 199 -35.99 -3.83 9.02
CA VAL C 199 -36.99 -4.86 9.23
C VAL C 199 -37.07 -5.17 10.72
N PRO C 200 -38.27 -5.28 11.31
CA PRO C 200 -38.36 -5.62 12.73
C PRO C 200 -37.74 -6.99 13.02
N ASP C 201 -37.20 -7.12 14.22
CA ASP C 201 -36.55 -8.37 14.64
C ASP C 201 -37.53 -9.52 14.82
N ARG C 202 -38.83 -9.30 14.59
CA ARG C 202 -39.80 -10.37 14.72
C ARG C 202 -39.48 -11.52 13.78
N PHE C 203 -39.18 -11.21 12.52
CA PHE C 203 -38.96 -12.23 11.52
C PHE C 203 -37.68 -13.01 11.81
N SER C 204 -37.71 -14.29 11.46
CA SER C 204 -36.55 -15.16 11.64
C SER C 204 -36.58 -16.22 10.55
N GLY C 205 -35.39 -16.68 10.16
CA GLY C 205 -35.26 -17.68 9.12
C GLY C 205 -34.23 -18.74 9.44
N SER C 206 -34.57 -20.00 9.15
CA SER C 206 -33.66 -21.11 9.39
C SER C 206 -34.10 -22.29 8.55
N GLY C 207 -33.20 -23.24 8.36
CA GLY C 207 -33.51 -24.42 7.59
C GLY C 207 -32.24 -25.21 7.28
N SER C 208 -32.42 -26.22 6.44
CA SER C 208 -31.31 -27.08 6.03
C SER C 208 -31.32 -27.27 4.52
N GLY C 209 -30.40 -28.08 4.01
CA GLY C 209 -30.32 -28.31 2.57
C GLY C 209 -31.62 -28.85 1.99
N THR C 210 -32.09 -28.21 0.92
CA THR C 210 -33.30 -28.59 0.18
C THR C 210 -34.58 -28.26 0.93
N ALA C 211 -34.50 -27.69 2.13
CA ALA C 211 -35.69 -27.37 2.91
C ALA C 211 -35.44 -26.11 3.71
N PHE C 212 -36.22 -25.06 3.44
CA PHE C 212 -36.11 -23.79 4.12
C PHE C 212 -37.49 -23.33 4.58
N THR C 213 -37.51 -22.59 5.68
CA THR C 213 -38.76 -22.09 6.24
C THR C 213 -38.56 -20.67 6.77
N LEU C 214 -39.65 -19.90 6.76
CA LEU C 214 -39.67 -18.56 7.32
C LEU C 214 -40.75 -18.51 8.40
N THR C 215 -40.37 -18.10 9.60
CA THR C 215 -41.26 -18.08 10.75
C THR C 215 -41.50 -16.65 11.20
N ILE C 216 -42.77 -16.32 11.45
CA ILE C 216 -43.17 -15.02 11.98
C ILE C 216 -43.90 -15.27 13.29
N SER C 217 -43.44 -14.62 14.35
CA SER C 217 -43.99 -14.81 15.69
C SER C 217 -44.82 -13.60 16.08
N ARG C 218 -46.04 -13.86 16.56
CA ARG C 218 -46.93 -12.80 17.05
C ARG C 218 -47.19 -11.76 15.95
N LEU C 219 -47.83 -12.22 14.88
CA LEU C 219 -48.16 -11.34 13.77
C LEU C 219 -49.12 -10.24 14.23
N GLU C 220 -49.01 -9.09 13.60
CA GLU C 220 -49.88 -7.95 13.88
C GLU C 220 -50.02 -7.15 12.58
N ALA C 221 -50.49 -5.91 12.69
CA ALA C 221 -50.77 -5.09 11.53
C ALA C 221 -49.53 -4.93 10.66
N GLU C 222 -49.73 -4.30 9.50
CA GLU C 222 -48.68 -4.09 8.49
C GLU C 222 -47.85 -5.34 8.24
N ASP C 223 -48.48 -6.51 8.38
CA ASP C 223 -47.86 -7.78 8.04
C ASP C 223 -48.52 -8.49 6.87
N VAL C 224 -49.71 -8.04 6.45
CA VAL C 224 -50.41 -8.68 5.34
C VAL C 224 -49.62 -8.46 4.05
N GLY C 225 -49.44 -9.52 3.28
CA GLY C 225 -48.71 -9.41 2.03
C GLY C 225 -48.37 -10.79 1.49
N VAL C 226 -47.60 -10.77 0.41
CA VAL C 226 -47.16 -11.99 -0.28
C VAL C 226 -45.66 -12.15 -0.02
N TYR C 227 -45.27 -13.34 0.43
CA TYR C 227 -43.88 -13.63 0.75
C TYR C 227 -43.28 -14.48 -0.36
N TYR C 228 -42.16 -14.02 -0.92
CA TYR C 228 -41.47 -14.70 -2.01
C TYR C 228 -40.07 -15.11 -1.54
N CYS C 229 -39.71 -16.36 -1.81
CA CYS C 229 -38.39 -16.88 -1.49
C CYS C 229 -37.56 -16.96 -2.77
N MET C 230 -36.33 -16.43 -2.72
CA MET C 230 -35.46 -16.33 -3.88
C MET C 230 -34.12 -16.96 -3.57
N GLN C 231 -33.50 -17.52 -4.61
CA GLN C 231 -32.17 -18.12 -4.53
C GLN C 231 -31.18 -17.29 -5.33
N HIS C 232 -29.94 -17.24 -4.84
CA HIS C 232 -28.89 -16.43 -5.48
C HIS C 232 -27.63 -17.25 -5.71
N LEU C 233 -27.76 -18.57 -5.87
CA LEU C 233 -26.59 -19.40 -6.13
C LEU C 233 -25.93 -19.02 -7.44
N GLU C 234 -26.69 -18.98 -8.52
CA GLU C 234 -26.18 -18.53 -9.81
C GLU C 234 -27.36 -18.07 -10.67
N TYR C 235 -27.06 -17.28 -11.67
CA TYR C 235 -28.08 -16.76 -12.56
C TYR C 235 -28.54 -17.84 -13.54
N PRO C 236 -29.78 -17.75 -14.04
CA PRO C 236 -30.77 -16.70 -13.75
C PRO C 236 -31.42 -16.86 -12.38
N LEU C 237 -31.76 -15.74 -11.75
CA LEU C 237 -32.42 -15.77 -10.46
C LEU C 237 -33.88 -16.21 -10.63
N THR C 238 -34.38 -16.94 -9.64
CA THR C 238 -35.74 -17.46 -9.66
C THR C 238 -36.44 -17.13 -8.34
N PHE C 239 -37.75 -16.97 -8.42
CA PHE C 239 -38.58 -16.67 -7.26
C PHE C 239 -39.64 -17.76 -7.10
N GLY C 240 -40.08 -17.95 -5.85
CA GLY C 240 -41.07 -18.96 -5.56
C GLY C 240 -42.47 -18.54 -6.00
N ALA C 241 -43.39 -19.49 -5.89
CA ALA C 241 -44.78 -19.22 -6.27
C ALA C 241 -45.37 -18.10 -5.43
N GLY C 242 -44.90 -17.94 -4.19
CA GLY C 242 -45.38 -16.88 -3.33
C GLY C 242 -46.46 -17.34 -2.36
N THR C 243 -46.26 -17.06 -1.08
CA THR C 243 -47.22 -17.40 -0.04
C THR C 243 -48.01 -16.15 0.31
N LYS C 244 -49.34 -16.23 0.22
CA LYS C 244 -50.22 -15.09 0.45
C LYS C 244 -50.79 -15.17 1.85
N LEU C 245 -50.64 -14.09 2.62
CA LEU C 245 -51.18 -14.00 3.97
C LEU C 245 -52.41 -13.08 3.95
N GLU C 246 -53.49 -13.55 4.56
CA GLU C 246 -54.73 -12.77 4.59
C GLU C 246 -55.46 -12.96 5.92
N ARG D 13 2.14 19.27 40.92
CA ARG D 13 1.48 19.43 42.25
C ARG D 13 0.30 18.46 42.40
N LYS D 14 -0.23 17.99 41.27
CA LYS D 14 -1.30 17.00 41.28
C LYS D 14 -0.78 15.58 41.17
N LEU D 15 0.39 15.40 40.55
CA LEU D 15 0.99 14.07 40.48
C LEU D 15 1.21 13.50 41.88
N VAL D 16 1.50 14.36 42.85
CA VAL D 16 1.77 13.89 44.20
C VAL D 16 0.53 13.23 44.80
N GLU D 17 -0.65 13.87 44.66
CA GLU D 17 -1.87 13.24 45.15
C GLU D 17 -2.25 12.04 44.30
N GLN D 18 -2.00 12.09 42.99
CA GLN D 18 -2.26 10.93 42.15
C GLN D 18 -1.48 9.72 42.68
N LEU D 19 -0.24 9.94 43.10
CA LEU D 19 0.60 8.89 43.64
C LEU D 19 0.22 8.52 45.07
N LYS D 20 -0.29 9.47 45.86
CA LYS D 20 -0.93 9.12 47.13
C LYS D 20 -1.99 8.06 46.90
N MET D 21 -2.91 8.32 45.96
CA MET D 21 -3.97 7.38 45.67
C MET D 21 -3.42 6.07 45.13
N GLU D 22 -2.43 6.14 44.23
CA GLU D 22 -1.88 4.93 43.63
C GLU D 22 -1.27 4.01 44.67
N ALA D 23 -0.71 4.57 45.75
CA ALA D 23 0.01 3.76 46.73
C ALA D 23 -0.92 2.86 47.55
N ASN D 24 -2.23 3.05 47.47
CA ASN D 24 -3.17 2.31 48.31
C ASN D 24 -3.65 1.00 47.67
N ILE D 25 -3.22 0.68 46.45
CA ILE D 25 -3.68 -0.54 45.81
C ILE D 25 -3.00 -1.75 46.46
N ASP D 26 -3.60 -2.92 46.27
CA ASP D 26 -3.09 -4.16 46.85
C ASP D 26 -2.26 -4.91 45.81
N ARG D 27 -1.08 -5.38 46.23
CA ARG D 27 -0.17 -6.11 45.36
C ARG D 27 -0.15 -7.58 45.76
N ILE D 28 -0.38 -8.45 44.79
CA ILE D 28 -0.34 -9.90 45.03
C ILE D 28 1.05 -10.41 44.69
N LYS D 29 1.41 -11.54 45.29
CA LYS D 29 2.72 -12.12 45.05
C LYS D 29 2.88 -12.49 43.58
N VAL D 30 4.09 -12.30 43.06
CA VAL D 30 4.35 -12.63 41.65
C VAL D 30 4.12 -14.10 41.39
N SER D 31 4.31 -14.95 42.40
CA SER D 31 4.09 -16.38 42.21
C SER D 31 2.65 -16.68 41.86
N LYS D 32 1.70 -16.02 42.55
CA LYS D 32 0.29 -16.23 42.23
C LYS D 32 -0.05 -15.75 40.83
N ALA D 33 0.52 -14.61 40.42
CA ALA D 33 0.30 -14.11 39.07
C ALA D 33 0.82 -15.10 38.03
N ALA D 34 2.03 -15.64 38.27
CA ALA D 34 2.58 -16.63 37.34
C ALA D 34 1.72 -17.88 37.28
N ALA D 35 1.24 -18.33 38.44
CA ALA D 35 0.37 -19.51 38.47
C ALA D 35 -0.90 -19.26 37.68
N ASP D 36 -1.52 -18.09 37.86
CA ASP D 36 -2.73 -17.76 37.11
C ASP D 36 -2.46 -17.71 35.61
N LEU D 37 -1.33 -17.10 35.22
CA LEU D 37 -1.01 -17.02 33.80
C LEU D 37 -0.80 -18.41 33.21
N MET D 38 -0.09 -19.28 33.91
CA MET D 38 0.13 -20.62 33.42
C MET D 38 -1.17 -21.39 33.33
N ALA D 39 -2.05 -21.24 34.33
CA ALA D 39 -3.35 -21.92 34.29
C ALA D 39 -4.16 -21.46 33.09
N TYR D 40 -4.20 -20.14 32.85
CA TYR D 40 -4.93 -19.63 31.70
C TYR D 40 -4.34 -20.15 30.39
N CYS D 41 -3.02 -20.14 30.28
CA CYS D 41 -2.38 -20.59 29.05
C CYS D 41 -2.67 -22.06 28.78
N GLU D 42 -2.60 -22.91 29.81
CA GLU D 42 -2.86 -24.33 29.61
C GLU D 42 -4.34 -24.58 29.33
N ALA D 43 -5.23 -23.84 29.98
CA ALA D 43 -6.66 -24.00 29.73
C ALA D 43 -7.02 -23.61 28.30
N HIS D 44 -6.43 -22.52 27.80
CA HIS D 44 -6.71 -22.03 26.45
C HIS D 44 -5.72 -22.54 25.41
N ALA D 45 -4.82 -23.46 25.80
CA ALA D 45 -3.83 -23.95 24.86
C ALA D 45 -4.49 -24.65 23.66
N LYS D 46 -5.51 -25.47 23.93
CA LYS D 46 -6.21 -26.16 22.86
C LYS D 46 -7.07 -25.23 22.01
N GLU D 47 -7.30 -24.00 22.47
CA GLU D 47 -8.08 -23.02 21.73
C GLU D 47 -7.21 -22.09 20.87
N ASP D 48 -5.91 -22.38 20.76
CA ASP D 48 -5.00 -21.54 20.01
C ASP D 48 -4.54 -22.28 18.75
N PRO D 49 -5.12 -22.01 17.59
CA PRO D 49 -4.64 -22.67 16.36
C PRO D 49 -3.18 -22.34 16.05
N LEU D 50 -2.69 -21.17 16.47
CA LEU D 50 -1.30 -20.83 16.23
C LEU D 50 -0.37 -21.80 16.94
N LEU D 51 -0.69 -22.15 18.18
CA LEU D 51 0.16 -23.08 18.94
C LEU D 51 0.20 -24.44 18.28
N THR D 52 -0.97 -24.98 17.92
CA THR D 52 -1.08 -26.32 17.36
C THR D 52 -1.53 -26.22 15.91
N PRO D 53 -0.75 -26.72 14.95
CA PRO D 53 -1.22 -26.68 13.55
C PRO D 53 -2.55 -27.41 13.41
N VAL D 54 -3.43 -26.84 12.59
CA VAL D 54 -4.78 -27.36 12.41
C VAL D 54 -4.93 -27.92 11.01
N PRO D 55 -5.82 -28.89 10.78
CA PRO D 55 -5.97 -29.44 9.42
C PRO D 55 -6.45 -28.37 8.46
N ALA D 56 -6.11 -28.56 7.18
CA ALA D 56 -6.53 -27.60 6.16
C ALA D 56 -8.04 -27.47 6.10
N SER D 57 -8.77 -28.51 6.51
CA SER D 57 -10.23 -28.45 6.50
C SER D 57 -10.75 -27.41 7.47
N GLU D 58 -10.15 -27.30 8.66
CA GLU D 58 -10.63 -26.38 9.69
C GLU D 58 -10.12 -24.96 9.50
N ASN D 59 -8.87 -24.80 9.06
CA ASN D 59 -8.31 -23.47 8.90
C ASN D 59 -8.83 -22.86 7.61
N PRO D 60 -9.48 -21.68 7.64
CA PRO D 60 -10.11 -21.16 6.41
C PRO D 60 -9.14 -20.62 5.39
N PHE D 61 -7.86 -20.42 5.74
CA PHE D 61 -6.90 -19.80 4.84
C PHE D 61 -6.09 -20.90 4.16
N ARG D 62 -6.24 -21.01 2.84
CA ARG D 62 -5.42 -21.87 2.00
C ARG D 62 -4.54 -21.05 1.06
N LEU E 173 48.85 -30.83 -29.51
CA LEU E 173 48.09 -29.98 -30.47
C LEU E 173 46.58 -30.12 -30.24
N GLN E 174 46.15 -31.32 -29.85
CA GLN E 174 44.75 -31.57 -29.60
C GLN E 174 44.26 -30.90 -28.32
N ALA E 175 45.15 -30.41 -27.47
CA ALA E 175 44.74 -29.77 -26.22
C ALA E 175 44.04 -28.44 -26.45
N LEU E 176 44.27 -27.78 -27.60
CA LEU E 176 43.63 -26.50 -27.85
C LEU E 176 42.12 -26.65 -27.97
N LYS E 177 41.66 -27.74 -28.59
CA LYS E 177 40.24 -27.94 -28.78
C LYS E 177 39.51 -28.02 -27.44
N ILE E 178 40.05 -28.83 -26.51
CA ILE E 178 39.39 -28.95 -25.21
C ILE E 178 39.48 -27.65 -24.43
N SER E 179 40.61 -26.94 -24.56
CA SER E 179 40.74 -25.65 -23.88
C SER E 179 39.72 -24.66 -24.38
N LEU E 180 39.55 -24.57 -25.71
CA LEU E 180 38.55 -23.67 -26.27
C LEU E 180 37.15 -24.08 -25.84
N ALA E 181 36.86 -25.38 -25.87
CA ALA E 181 35.54 -25.85 -25.46
C ALA E 181 35.24 -25.46 -24.02
N VAL E 182 36.20 -25.69 -23.12
CA VAL E 182 35.95 -25.44 -21.71
C VAL E 182 35.85 -23.95 -21.43
N VAL E 183 36.70 -23.13 -22.07
CA VAL E 183 36.63 -21.68 -21.83
C VAL E 183 35.31 -21.12 -22.34
N LEU E 184 34.89 -21.54 -23.53
CA LEU E 184 33.60 -21.08 -24.04
C LEU E 184 32.45 -21.56 -23.14
N SER E 185 32.54 -22.78 -22.64
CA SER E 185 31.50 -23.30 -21.76
C SER E 185 31.39 -22.48 -20.49
N VAL E 186 32.53 -22.17 -19.86
CA VAL E 186 32.48 -21.38 -18.64
C VAL E 186 31.99 -19.97 -18.94
N ILE E 187 32.35 -19.42 -20.10
CA ILE E 187 31.89 -18.09 -20.46
C ILE E 187 30.37 -18.06 -20.57
N THR E 188 29.80 -19.03 -21.30
CA THR E 188 28.35 -19.06 -21.48
C THR E 188 27.64 -19.35 -20.16
N LEU E 189 28.21 -20.22 -19.32
CA LEU E 189 27.60 -20.49 -18.03
C LEU E 189 27.60 -19.25 -17.16
N ALA E 190 28.70 -18.49 -17.15
CA ALA E 190 28.75 -17.25 -16.38
C ALA E 190 27.74 -16.24 -16.92
N THR E 191 27.61 -16.15 -18.25
CA THR E 191 26.62 -15.26 -18.83
C THR E 191 25.22 -15.62 -18.36
N VAL E 192 24.88 -16.91 -18.44
CA VAL E 192 23.56 -17.36 -18.02
C VAL E 192 23.34 -17.06 -16.55
N LEU E 193 24.33 -17.35 -15.71
CA LEU E 193 24.18 -17.15 -14.27
C LEU E 193 23.97 -15.67 -13.95
N SER E 194 24.77 -14.80 -14.57
CA SER E 194 24.65 -13.37 -14.29
C SER E 194 23.29 -12.84 -14.75
N ASN E 195 22.86 -13.22 -15.95
CA ASN E 195 21.58 -12.74 -16.45
C ASN E 195 20.43 -13.25 -15.60
N ALA E 196 20.47 -14.52 -15.20
CA ALA E 196 19.42 -15.06 -14.35
C ALA E 196 19.41 -14.38 -12.99
N PHE E 197 20.59 -14.11 -12.43
CA PHE E 197 20.66 -13.40 -11.15
C PHE E 197 20.04 -12.02 -11.27
N VAL E 198 20.36 -11.29 -12.34
CA VAL E 198 19.79 -9.96 -12.53
C VAL E 198 18.28 -10.04 -12.67
N LEU E 199 17.79 -11.00 -13.47
CA LEU E 199 16.36 -11.12 -13.70
C LEU E 199 15.62 -11.46 -12.42
N THR E 200 16.14 -12.41 -11.64
CA THR E 200 15.47 -12.79 -10.40
C THR E 200 15.55 -11.69 -9.37
N THR E 201 16.65 -10.94 -9.32
CA THR E 201 16.73 -9.80 -8.41
C THR E 201 15.69 -8.74 -8.77
N ILE E 202 15.53 -8.47 -10.07
CA ILE E 202 14.51 -7.50 -10.50
C ILE E 202 13.12 -8.01 -10.14
N LEU E 203 12.84 -9.28 -10.41
CA LEU E 203 11.51 -9.82 -10.18
C LEU E 203 11.15 -9.85 -8.70
N LEU E 204 12.08 -10.28 -7.86
CA LEU E 204 11.82 -10.47 -6.44
C LEU E 204 12.01 -9.20 -5.61
N THR E 205 12.46 -8.11 -6.22
CA THR E 205 12.68 -6.85 -5.52
C THR E 205 11.69 -5.83 -6.09
N ARG E 206 10.61 -5.57 -5.35
CA ARG E 206 9.61 -4.62 -5.81
C ARG E 206 10.19 -3.22 -5.93
N LYS E 207 11.23 -2.90 -5.16
CA LYS E 207 11.87 -1.61 -5.28
C LYS E 207 12.46 -1.41 -6.68
N LEU E 208 12.73 -2.50 -7.38
CA LEU E 208 13.25 -2.44 -8.75
C LEU E 208 12.17 -2.52 -9.81
N HIS E 209 10.91 -2.40 -9.44
CA HIS E 209 9.80 -2.41 -10.40
C HIS E 209 9.63 -0.99 -10.94
N THR E 210 10.36 -0.69 -12.02
CA THR E 210 10.34 0.62 -12.64
C THR E 210 10.44 0.44 -14.15
N PRO E 211 9.86 1.33 -14.95
CA PRO E 211 9.97 1.17 -16.41
C PRO E 211 11.39 1.08 -16.91
N ALA E 212 12.31 1.87 -16.37
CA ALA E 212 13.72 1.71 -16.71
C ALA E 212 14.24 0.35 -16.25
N ASN E 213 13.90 -0.04 -15.02
CA ASN E 213 14.25 -1.37 -14.55
C ASN E 213 13.54 -2.45 -15.34
N TYR E 214 12.34 -2.17 -15.86
CA TYR E 214 11.68 -3.12 -16.75
C TYR E 214 12.47 -3.29 -18.03
N LEU E 215 13.02 -2.19 -18.57
CA LEU E 215 13.87 -2.29 -19.75
C LEU E 215 15.13 -3.10 -19.44
N ILE E 216 15.72 -2.88 -18.26
CA ILE E 216 16.90 -3.66 -17.87
C ILE E 216 16.53 -5.15 -17.78
N GLY E 217 15.37 -5.45 -17.21
CA GLY E 217 14.94 -6.84 -17.13
C GLY E 217 14.70 -7.46 -18.48
N SER E 218 14.13 -6.68 -19.41
CA SER E 218 13.95 -7.17 -20.77
C SER E 218 15.29 -7.44 -21.44
N LEU E 219 16.27 -6.57 -21.21
CA LEU E 219 17.62 -6.81 -21.72
C LEU E 219 18.21 -8.08 -21.13
N ALA E 220 17.99 -8.31 -19.84
CA ALA E 220 18.47 -9.53 -19.20
C ALA E 220 17.80 -10.77 -19.80
N THR E 221 16.50 -10.67 -20.07
CA THR E 221 15.80 -11.79 -20.71
C THR E 221 16.34 -12.06 -22.10
N THR E 222 16.63 -11.00 -22.86
CA THR E 222 17.22 -11.17 -24.18
C THR E 222 18.59 -11.83 -24.08
N ASP E 223 19.38 -11.43 -23.08
CA ASP E 223 20.69 -12.06 -22.88
C ASP E 223 20.53 -13.53 -22.52
N LEU E 224 19.53 -13.86 -21.70
CA LEU E 224 19.25 -15.26 -21.38
C LEU E 224 18.90 -16.04 -22.64
N LEU E 225 18.07 -15.46 -23.50
CA LEU E 225 17.74 -16.12 -24.76
C LEU E 225 18.99 -16.34 -25.60
N VAL E 226 19.86 -15.33 -25.67
CA VAL E 226 21.09 -15.46 -26.44
C VAL E 226 21.95 -16.60 -25.90
N SER E 227 22.09 -16.66 -24.58
CA SER E 227 23.00 -17.60 -23.95
C SER E 227 22.42 -19.01 -23.84
N ILE E 228 21.10 -19.17 -24.01
CA ILE E 228 20.47 -20.48 -23.92
C ILE E 228 20.24 -21.06 -25.31
N LEU E 229 19.54 -20.31 -26.16
CA LEU E 229 19.11 -20.85 -27.44
C LEU E 229 20.19 -20.77 -28.52
N VAL E 230 21.27 -20.02 -28.31
CA VAL E 230 22.29 -19.78 -29.32
C VAL E 230 23.66 -20.23 -28.84
N MET E 231 24.05 -19.86 -27.62
CA MET E 231 25.41 -20.10 -27.16
C MET E 231 25.81 -21.57 -27.19
N PRO E 232 24.99 -22.50 -26.68
CA PRO E 232 25.39 -23.92 -26.77
C PRO E 232 25.61 -24.39 -28.20
N ILE E 233 24.72 -24.01 -29.12
CA ILE E 233 24.88 -24.41 -30.52
C ILE E 233 26.10 -23.73 -31.13
N SER E 234 26.34 -22.47 -30.76
CA SER E 234 27.53 -21.78 -31.24
C SER E 234 28.80 -22.50 -30.78
N ILE E 235 28.83 -22.94 -29.52
CA ILE E 235 29.97 -23.69 -29.02
C ILE E 235 30.13 -24.99 -29.78
N ALA E 236 29.02 -25.70 -30.01
CA ALA E 236 29.09 -26.98 -30.72
C ALA E 236 29.60 -26.80 -32.14
N TYR E 237 29.20 -25.71 -32.81
CA TYR E 237 29.53 -25.51 -34.21
C TYR E 237 30.93 -24.94 -34.40
N THR E 238 31.31 -23.93 -33.62
CA THR E 238 32.58 -23.25 -33.84
C THR E 238 33.76 -24.20 -33.65
N ILE E 239 33.73 -25.01 -32.59
CA ILE E 239 34.85 -25.89 -32.30
C ILE E 239 35.00 -26.96 -33.37
N THR E 240 33.88 -27.47 -33.88
CA THR E 240 33.90 -28.51 -34.90
C THR E 240 33.97 -27.95 -36.31
N HIS E 241 33.44 -26.75 -36.53
CA HIS E 241 33.40 -26.11 -37.84
C HIS E 241 32.56 -26.88 -38.86
N THR E 242 31.81 -27.89 -38.42
CA THR E 242 30.96 -28.69 -39.28
C THR E 242 29.57 -28.77 -38.67
N TRP E 243 28.55 -28.52 -39.50
CA TRP E 243 27.17 -28.53 -39.04
C TRP E 243 26.59 -29.92 -39.24
N ASN E 244 26.40 -30.65 -38.14
CA ASN E 244 25.82 -31.99 -38.17
C ASN E 244 24.33 -32.00 -37.82
N PHE E 245 23.73 -30.85 -37.54
CA PHE E 245 22.33 -30.78 -37.15
C PHE E 245 21.39 -30.60 -38.34
N GLY E 246 21.92 -30.40 -39.54
CA GLY E 246 21.10 -30.26 -40.73
C GLY E 246 20.64 -28.83 -40.97
N GLN E 247 19.98 -28.65 -42.11
CA GLN E 247 19.50 -27.32 -42.50
C GLN E 247 18.27 -26.91 -41.71
N ILE E 248 17.40 -27.86 -41.35
CA ILE E 248 16.17 -27.52 -40.64
C ILE E 248 16.49 -26.83 -39.33
N LEU E 249 17.45 -27.37 -38.58
CA LEU E 249 17.88 -26.74 -37.34
C LEU E 249 18.78 -25.53 -37.59
N CYS E 250 19.53 -25.53 -38.69
CA CYS E 250 20.39 -24.38 -39.00
C CYS E 250 19.58 -23.12 -39.22
N ASP E 251 18.45 -23.23 -39.94
CA ASP E 251 17.62 -22.06 -40.16
C ASP E 251 17.11 -21.49 -38.86
N ILE E 252 16.62 -22.35 -37.97
CA ILE E 252 16.10 -21.90 -36.68
C ILE E 252 17.21 -21.26 -35.86
N TRP E 253 18.39 -21.89 -35.84
CA TRP E 253 19.50 -21.35 -35.05
C TRP E 253 19.92 -19.98 -35.58
N LEU E 254 20.03 -19.82 -36.90
CA LEU E 254 20.43 -18.54 -37.46
C LEU E 254 19.39 -17.48 -37.17
N SER E 255 18.11 -17.81 -37.34
CA SER E 255 17.05 -16.84 -37.06
C SER E 255 17.08 -16.41 -35.60
N SER E 256 17.22 -17.38 -34.69
CA SER E 256 17.26 -17.05 -33.26
C SER E 256 18.46 -16.18 -32.94
N ASP E 257 19.63 -16.53 -33.47
CA ASP E 257 20.83 -15.74 -33.20
C ASP E 257 20.64 -14.30 -33.67
N ILE E 258 20.21 -14.12 -34.93
CA ILE E 258 20.10 -12.79 -35.49
C ILE E 258 19.06 -11.98 -34.72
N THR E 259 17.88 -12.57 -34.49
CA THR E 259 16.82 -11.82 -33.81
C THR E 259 17.21 -11.48 -32.38
N CYS E 260 17.85 -12.40 -31.66
CA CYS E 260 18.23 -12.13 -30.28
C CYS E 260 19.32 -11.07 -30.20
N CYS E 261 20.32 -11.13 -31.08
CA CYS E 261 21.37 -10.11 -31.07
C CYS E 261 20.80 -8.74 -31.41
N THR E 262 19.93 -8.68 -32.43
CA THR E 262 19.31 -7.40 -32.78
C THR E 262 18.45 -6.89 -31.64
N ALA E 263 17.73 -7.78 -30.96
CA ALA E 263 16.91 -7.38 -29.82
C ALA E 263 17.78 -6.83 -28.70
N SER E 264 18.92 -7.45 -28.43
CA SER E 264 19.81 -6.94 -27.39
C SER E 264 20.35 -5.55 -27.75
N ILE E 265 20.78 -5.38 -29.01
CA ILE E 265 21.32 -4.09 -29.42
C ILE E 265 20.25 -3.01 -29.33
N TRP E 266 19.03 -3.32 -29.81
CA TRP E 266 17.96 -2.34 -29.76
C TRP E 266 17.48 -2.10 -28.33
N HIS E 267 17.62 -3.09 -27.45
CA HIS E 267 17.32 -2.86 -26.04
C HIS E 267 18.31 -1.89 -25.41
N LEU E 268 19.59 -2.03 -25.75
CA LEU E 268 20.57 -1.03 -25.32
C LEU E 268 20.21 0.34 -25.85
N CYS E 269 19.81 0.41 -27.12
CA CYS E 269 19.43 1.69 -27.71
C CYS E 269 18.22 2.29 -26.98
N VAL E 270 17.23 1.45 -26.65
CA VAL E 270 16.04 1.94 -25.98
C VAL E 270 16.36 2.39 -24.56
N ILE E 271 17.27 1.68 -23.88
CA ILE E 271 17.68 2.11 -22.55
C ILE E 271 18.37 3.47 -22.63
N ALA E 272 19.22 3.66 -23.65
CA ALA E 272 19.86 4.95 -23.84
C ALA E 272 18.83 6.03 -24.12
N LEU E 273 17.83 5.74 -24.94
CA LEU E 273 16.76 6.70 -25.21
C LEU E 273 16.01 7.07 -23.94
N ASP E 274 15.69 6.07 -23.12
CA ASP E 274 14.98 6.32 -21.87
C ASP E 274 15.82 7.20 -20.93
N ARG E 275 17.11 6.90 -20.82
CA ARG E 275 17.98 7.70 -19.97
C ARG E 275 18.07 9.14 -20.49
N TYR E 276 18.22 9.30 -21.81
CA TYR E 276 18.30 10.63 -22.40
C TYR E 276 17.03 11.43 -22.12
N TRP E 277 15.87 10.80 -22.29
CA TRP E 277 14.61 11.49 -22.02
C TRP E 277 14.50 11.84 -20.54
N ALA E 278 14.85 10.91 -19.65
CA ALA E 278 14.74 11.16 -18.22
C ALA E 278 15.75 12.20 -17.74
N ILE E 279 16.80 12.46 -18.52
CA ILE E 279 17.81 13.42 -18.12
C ILE E 279 17.54 14.79 -18.73
N THR E 280 16.88 14.82 -19.89
CA THR E 280 16.65 16.07 -20.61
C THR E 280 15.26 16.66 -20.36
N ASP E 281 14.20 15.88 -20.59
CA ASP E 281 12.84 16.38 -20.44
C ASP E 281 12.10 15.58 -19.37
N ALA E 282 12.75 15.40 -18.22
CA ALA E 282 12.18 14.56 -17.16
C ALA E 282 10.77 14.99 -16.78
N LEU E 283 10.46 16.28 -16.86
CA LEU E 283 9.14 16.75 -16.45
C LEU E 283 8.05 16.08 -17.27
N GLU E 284 8.17 16.11 -18.60
CA GLU E 284 7.18 15.46 -19.45
C GLU E 284 7.37 13.95 -19.46
N TYR E 285 8.62 13.48 -19.39
CA TYR E 285 8.87 12.04 -19.44
C TYR E 285 8.24 11.33 -18.26
N SER E 286 8.15 11.98 -17.10
CA SER E 286 7.53 11.35 -15.94
C SER E 286 6.09 10.97 -16.25
N LYS E 287 5.35 11.89 -16.89
CA LYS E 287 4.02 11.54 -17.37
C LYS E 287 4.09 10.47 -18.46
N ARG E 288 5.06 10.58 -19.36
CA ARG E 288 5.20 9.60 -20.43
C ARG E 288 5.81 8.29 -19.96
N ARG E 289 6.63 8.32 -18.91
CA ARG E 289 7.35 7.13 -18.45
C ARG E 289 6.40 6.27 -17.64
N THR E 290 5.92 5.18 -18.24
CA THR E 290 5.02 4.24 -17.59
C THR E 290 5.38 2.83 -18.01
N ALA E 291 4.82 1.85 -17.29
CA ALA E 291 5.06 0.45 -17.64
C ALA E 291 4.57 0.15 -19.05
N GLY E 292 3.43 0.73 -19.42
CA GLY E 292 2.93 0.53 -20.78
C GLY E 292 3.89 1.05 -21.82
N HIS E 293 4.51 2.20 -21.57
CA HIS E 293 5.49 2.73 -22.52
C HIS E 293 6.69 1.80 -22.65
N ALA E 294 7.18 1.26 -21.53
CA ALA E 294 8.29 0.31 -21.59
C ALA E 294 7.90 -0.93 -22.37
N ALA E 295 6.69 -1.44 -22.15
CA ALA E 295 6.23 -2.61 -22.89
C ALA E 295 6.14 -2.30 -24.38
N THR E 296 5.66 -1.10 -24.73
CA THR E 296 5.57 -0.72 -26.14
C THR E 296 6.96 -0.64 -26.77
N MET E 297 7.92 -0.05 -26.07
CA MET E 297 9.28 0.02 -26.60
C MET E 297 9.87 -1.38 -26.76
N ILE E 298 9.63 -2.26 -25.80
CA ILE E 298 10.15 -3.63 -25.91
C ILE E 298 9.52 -4.34 -27.11
N ALA E 299 8.21 -4.15 -27.31
CA ALA E 299 7.55 -4.76 -28.45
C ALA E 299 8.11 -4.21 -29.76
N ILE E 300 8.37 -2.90 -29.82
CA ILE E 300 8.94 -2.32 -31.04
C ILE E 300 10.32 -2.90 -31.30
N VAL E 301 11.13 -3.04 -30.26
CA VAL E 301 12.46 -3.61 -30.43
C VAL E 301 12.37 -5.04 -30.94
N TRP E 302 11.46 -5.83 -30.34
CA TRP E 302 11.30 -7.21 -30.79
C TRP E 302 10.83 -7.28 -32.22
N ALA E 303 9.90 -6.41 -32.62
CA ALA E 303 9.42 -6.40 -33.99
C ALA E 303 10.56 -6.05 -34.95
N ILE E 304 11.37 -5.05 -34.60
CA ILE E 304 12.50 -4.69 -35.45
C ILE E 304 13.46 -5.86 -35.61
N SER E 305 13.76 -6.53 -34.49
CA SER E 305 14.66 -7.68 -34.55
C SER E 305 14.08 -8.78 -35.42
N ILE E 306 12.76 -9.03 -35.31
CA ILE E 306 12.12 -10.06 -36.12
C ILE E 306 12.25 -9.70 -37.60
N CYS E 307 11.88 -8.47 -37.96
CA CYS E 307 12.00 -8.07 -39.37
C CYS E 307 13.44 -8.14 -39.85
N ILE E 308 14.40 -8.00 -38.94
CA ILE E 308 15.81 -8.16 -39.32
C ILE E 308 16.14 -9.63 -39.55
N SER E 309 15.57 -10.53 -38.76
CA SER E 309 15.97 -11.93 -38.74
C SER E 309 15.09 -12.84 -39.59
N ILE E 310 13.88 -12.42 -39.92
CA ILE E 310 12.95 -13.24 -40.72
C ILE E 310 13.32 -13.29 -42.20
N PRO E 311 13.83 -12.22 -42.80
CA PRO E 311 14.00 -12.20 -44.27
C PRO E 311 14.72 -13.43 -44.78
N PRO E 312 15.87 -13.80 -44.20
CA PRO E 312 16.68 -14.89 -44.79
C PRO E 312 15.88 -16.12 -45.17
N LEU E 313 14.81 -16.43 -44.42
CA LEU E 313 14.04 -17.63 -44.73
C LEU E 313 13.38 -17.53 -46.10
N PHE E 314 12.83 -16.36 -46.44
CA PHE E 314 12.08 -16.23 -47.69
C PHE E 314 12.99 -16.21 -48.92
N TRP E 315 14.11 -15.49 -48.86
CA TRP E 315 14.97 -15.39 -50.04
C TRP E 315 15.50 -16.76 -50.43
N ARG E 316 15.91 -17.58 -49.46
CA ARG E 316 16.41 -18.91 -49.75
C ARG E 316 16.06 -19.88 -48.61
N ASP E 326 27.66 -25.86 -44.68
CA ASP E 326 27.93 -24.96 -43.57
C ASP E 326 26.69 -24.13 -43.23
N CYS E 327 26.61 -23.69 -41.98
CA CYS E 327 25.48 -22.89 -41.49
C CYS E 327 25.99 -21.46 -41.31
N LEU E 328 25.60 -20.58 -42.23
CA LEU E 328 26.03 -19.19 -42.21
C LEU E 328 24.90 -18.30 -42.72
N VAL E 329 24.98 -17.01 -42.37
CA VAL E 329 23.98 -16.06 -42.82
C VAL E 329 24.01 -15.97 -44.34
N ASN E 330 22.84 -15.79 -44.94
CA ASN E 330 22.75 -15.69 -46.39
C ASN E 330 23.53 -14.49 -46.89
N THR E 331 24.30 -14.70 -47.97
CA THR E 331 25.06 -13.62 -48.60
C THR E 331 24.90 -13.62 -50.11
N SER E 332 23.82 -14.22 -50.62
CA SER E 332 23.62 -14.27 -52.07
C SER E 332 23.45 -12.87 -52.65
N GLN E 333 22.70 -12.01 -51.96
CA GLN E 333 22.46 -10.64 -52.39
C GLN E 333 23.07 -9.67 -51.38
N ILE E 334 23.73 -8.63 -51.89
CA ILE E 334 24.37 -7.66 -51.01
C ILE E 334 23.36 -6.67 -50.43
N SER E 335 22.20 -6.50 -51.06
CA SER E 335 21.22 -5.55 -50.55
C SER E 335 20.76 -5.95 -49.15
N TYR E 336 20.44 -7.25 -48.97
CA TYR E 336 20.06 -7.70 -47.64
C TYR E 336 21.20 -7.55 -46.66
N THR E 337 22.43 -7.83 -47.10
CA THR E 337 23.59 -7.64 -46.23
C THR E 337 23.64 -6.21 -45.70
N ILE E 338 23.55 -5.23 -46.62
CA ILE E 338 23.62 -3.83 -46.20
C ILE E 338 22.47 -3.50 -45.27
N TYR E 339 21.25 -3.90 -45.62
CA TYR E 339 20.09 -3.55 -44.81
C TYR E 339 20.22 -4.14 -43.40
N SER E 340 20.56 -5.43 -43.32
CA SER E 340 20.65 -6.09 -42.02
C SER E 340 21.76 -5.49 -41.17
N THR E 341 22.96 -5.31 -41.76
CA THR E 341 24.06 -4.74 -41.00
C THR E 341 23.71 -3.35 -40.49
N CYS E 342 23.15 -2.51 -41.36
CA CYS E 342 22.75 -1.16 -40.95
C CYS E 342 21.77 -1.23 -39.79
N GLY E 343 20.61 -1.84 -40.01
CA GLY E 343 19.56 -1.86 -39.01
C GLY E 343 19.94 -2.58 -37.73
N ALA E 344 20.96 -3.44 -37.77
CA ALA E 344 21.38 -4.18 -36.59
C ALA E 344 22.42 -3.43 -35.78
N PHE E 345 23.41 -2.81 -36.43
CA PHE E 345 24.48 -2.12 -35.73
C PHE E 345 24.54 -0.63 -36.03
N TYR E 346 24.61 -0.26 -37.31
CA TYR E 346 25.00 1.11 -37.63
C TYR E 346 23.95 2.12 -37.18
N ILE E 347 22.68 1.88 -37.54
CA ILE E 347 21.62 2.77 -37.08
C ILE E 347 21.52 2.76 -35.55
N PRO E 348 21.41 1.61 -34.88
CA PRO E 348 21.46 1.62 -33.42
C PRO E 348 22.77 2.16 -32.87
N SER E 349 23.89 1.91 -33.55
CA SER E 349 25.17 2.43 -33.06
C SER E 349 25.18 3.95 -33.06
N VAL E 350 24.77 4.57 -34.17
CA VAL E 350 24.78 6.03 -34.24
C VAL E 350 23.75 6.61 -33.28
N LEU E 351 22.58 5.96 -33.17
CA LEU E 351 21.57 6.44 -32.22
C LEU E 351 22.11 6.41 -30.80
N LEU E 352 22.75 5.30 -30.42
CA LEU E 352 23.32 5.19 -29.08
C LEU E 352 24.40 6.24 -28.85
N ILE E 353 25.28 6.43 -29.84
CA ILE E 353 26.36 7.40 -29.70
C ILE E 353 25.79 8.79 -29.49
N ILE E 354 24.81 9.18 -30.31
CA ILE E 354 24.23 10.51 -30.20
C ILE E 354 23.54 10.69 -28.85
N LEU E 355 22.75 9.69 -28.44
CA LEU E 355 22.01 9.80 -27.19
C LEU E 355 22.95 9.91 -26.00
N TYR E 356 24.00 9.09 -25.98
CA TYR E 356 24.92 9.11 -24.84
C TYR E 356 25.80 10.35 -24.87
N GLY E 357 26.11 10.89 -26.06
CA GLY E 357 26.80 12.15 -26.13
C GLY E 357 25.97 13.29 -25.58
N ARG E 358 24.67 13.31 -25.90
CA ARG E 358 23.78 14.31 -25.33
C ARG E 358 23.69 14.16 -23.82
N ILE E 359 23.60 12.91 -23.34
CA ILE E 359 23.54 12.67 -21.90
C ILE E 359 24.80 13.17 -21.22
N TYR E 360 25.96 12.88 -21.82
CA TYR E 360 27.23 13.34 -21.27
C TYR E 360 27.30 14.86 -21.23
N ARG E 361 26.86 15.51 -22.32
CA ARG E 361 26.85 16.97 -22.35
C ARG E 361 25.97 17.54 -21.25
N ALA E 362 24.77 16.98 -21.08
CA ALA E 362 23.87 17.49 -20.05
C ALA E 362 24.46 17.27 -18.66
N ALA E 363 25.03 16.09 -18.41
CA ALA E 363 25.61 15.80 -17.10
C ALA E 363 26.76 16.75 -16.79
N ARG E 364 27.65 16.98 -17.76
CA ARG E 364 28.75 17.90 -17.53
C ARG E 364 28.26 19.33 -17.37
N ASN E 365 27.24 19.73 -18.12
CA ASN E 365 26.68 21.06 -17.95
C ASN E 365 26.14 21.26 -16.53
N ARG E 366 25.41 20.27 -16.02
CA ARG E 366 24.93 20.38 -14.64
C ARG E 366 26.09 20.40 -13.66
N ILE E 367 27.08 19.53 -13.86
CA ILE E 367 28.16 19.41 -12.89
C ILE E 367 28.98 20.70 -12.82
N LEU E 368 29.26 21.31 -13.98
CA LEU E 368 30.09 22.50 -14.04
C LEU E 368 29.29 23.79 -14.20
N ASN E 369 28.06 23.72 -14.70
CA ASN E 369 27.21 24.89 -14.88
C ASN E 369 25.84 24.61 -14.28
N PRO E 370 25.77 24.44 -12.96
CA PRO E 370 24.49 24.15 -12.31
C PRO E 370 23.58 25.36 -12.34
N PRO E 371 22.27 25.16 -12.20
CA PRO E 371 21.36 26.30 -12.18
C PRO E 371 21.56 27.16 -10.94
N SER E 372 21.20 28.43 -11.06
CA SER E 372 21.41 29.41 -9.98
C SER E 372 20.35 29.22 -8.89
N LEU E 373 20.41 28.05 -8.26
CA LEU E 373 19.52 27.71 -7.15
C LEU E 373 20.24 27.72 -5.81
N TYR E 374 21.46 28.24 -5.74
CA TYR E 374 22.30 28.19 -4.55
C TYR E 374 22.44 29.56 -3.89
N GLY E 375 21.48 30.45 -4.12
CA GLY E 375 21.49 31.75 -3.49
C GLY E 375 22.68 32.60 -3.91
N LYS E 376 23.57 32.88 -2.96
CA LYS E 376 24.72 33.75 -3.18
C LYS E 376 26.04 32.99 -3.24
N ARG E 377 26.00 31.67 -3.46
CA ARG E 377 27.22 30.90 -3.59
C ARG E 377 27.96 31.17 -4.89
N PHE E 378 27.31 31.92 -5.80
CA PHE E 378 27.90 32.27 -7.12
C PHE E 378 28.42 30.99 -7.80
N SER E 423 36.25 26.88 1.41
CA SER E 423 35.17 25.90 1.42
C SER E 423 34.80 25.48 0.00
N ALA E 424 35.14 26.32 -0.97
CA ALA E 424 34.83 26.00 -2.36
C ALA E 424 35.59 24.77 -2.82
N LEU E 425 36.76 24.50 -2.24
CA LEU E 425 37.52 23.32 -2.62
C LEU E 425 36.78 22.04 -2.26
N GLU E 426 36.03 22.05 -1.16
CA GLU E 426 35.25 20.87 -0.80
C GLU E 426 34.22 20.53 -1.87
N ARG E 427 33.54 21.55 -2.40
CA ARG E 427 32.59 21.31 -3.48
C ARG E 427 33.30 20.94 -4.77
N LYS E 428 34.45 21.56 -5.03
CA LYS E 428 35.18 21.25 -6.26
C LYS E 428 35.64 19.80 -6.28
N ARG E 429 36.06 19.27 -5.13
CA ARG E 429 36.50 17.88 -5.06
C ARG E 429 35.38 16.93 -5.47
N ILE E 430 34.20 17.09 -4.86
CA ILE E 430 33.09 16.20 -5.19
C ILE E 430 32.62 16.43 -6.62
N SER E 431 32.65 17.67 -7.11
CA SER E 431 32.28 17.93 -8.49
C SER E 431 33.20 17.19 -9.46
N ALA E 432 34.51 17.27 -9.23
CA ALA E 432 35.46 16.57 -10.08
C ALA E 432 35.29 15.06 -9.98
N ALA E 433 35.07 14.55 -8.77
CA ALA E 433 34.87 13.11 -8.60
C ALA E 433 33.63 12.64 -9.36
N ARG E 434 32.53 13.39 -9.26
CA ARG E 434 31.31 13.00 -9.97
C ARG E 434 31.51 13.09 -11.48
N GLU E 435 32.21 14.12 -11.96
CA GLU E 435 32.48 14.22 -13.39
C GLU E 435 33.30 13.04 -13.88
N ARG E 436 34.34 12.67 -13.12
CA ARG E 436 35.16 11.52 -13.51
C ARG E 436 34.34 10.23 -13.49
N LYS E 437 33.50 10.05 -12.47
CA LYS E 437 32.68 8.85 -12.40
C LYS E 437 31.73 8.76 -13.58
N ALA E 438 31.07 9.87 -13.91
CA ALA E 438 30.14 9.87 -15.04
C ALA E 438 30.87 9.60 -16.35
N THR E 439 32.03 10.23 -16.55
CA THR E 439 32.79 9.99 -17.76
C THR E 439 33.21 8.52 -17.87
N LYS E 440 33.69 7.94 -16.76
CA LYS E 440 34.09 6.54 -16.77
C LYS E 440 32.91 5.63 -17.07
N ILE E 441 31.75 5.90 -16.46
CA ILE E 441 30.58 5.05 -16.66
C ILE E 441 30.13 5.11 -18.12
N LEU E 442 30.05 6.31 -18.67
CA LEU E 442 29.60 6.46 -20.05
C LEU E 442 30.61 5.84 -21.01
N GLY E 443 31.91 6.02 -20.76
CA GLY E 443 32.91 5.39 -21.60
C GLY E 443 32.82 3.89 -21.56
N ILE E 444 32.60 3.32 -20.36
CA ILE E 444 32.46 1.87 -20.23
C ILE E 444 31.24 1.40 -21.03
N ILE E 445 30.12 2.13 -20.90
CA ILE E 445 28.90 1.72 -21.59
C ILE E 445 29.10 1.74 -23.10
N LEU E 446 29.71 2.82 -23.61
CA LEU E 446 29.95 2.90 -25.04
C LEU E 446 30.92 1.83 -25.51
N GLY E 447 32.00 1.60 -24.76
CA GLY E 447 32.99 0.62 -25.19
C GLY E 447 32.44 -0.79 -25.21
N ALA E 448 31.69 -1.17 -24.16
CA ALA E 448 31.19 -2.54 -24.07
C ALA E 448 30.33 -2.92 -25.26
N PHE E 449 29.78 -1.93 -25.98
CA PHE E 449 29.06 -2.16 -27.23
C PHE E 449 29.97 -2.02 -28.44
N ILE E 450 30.78 -0.96 -28.47
CA ILE E 450 31.58 -0.67 -29.67
C ILE E 450 32.63 -1.74 -29.89
N ILE E 451 33.55 -1.90 -28.93
CA ILE E 451 34.69 -2.78 -29.14
C ILE E 451 34.25 -4.24 -29.03
N CYS E 452 32.96 -4.47 -28.78
CA CYS E 452 32.39 -5.82 -28.75
C CYS E 452 31.69 -6.20 -30.04
N TRP E 453 30.88 -5.31 -30.61
CA TRP E 453 30.10 -5.63 -31.79
C TRP E 453 30.70 -5.07 -33.08
N LEU E 454 31.32 -3.90 -33.03
CA LEU E 454 31.95 -3.33 -34.22
C LEU E 454 32.94 -4.26 -34.88
N PRO E 455 33.89 -4.89 -34.16
CA PRO E 455 34.80 -5.81 -34.83
C PRO E 455 34.08 -6.96 -35.53
N PHE E 456 32.93 -7.36 -34.96
CA PHE E 456 32.12 -8.47 -35.53
C PHE E 456 31.20 -7.97 -36.63
N PHE E 457 30.73 -6.71 -36.54
CA PHE E 457 29.83 -6.18 -37.55
C PHE E 457 30.58 -5.67 -38.77
N VAL E 458 31.77 -5.08 -38.57
CA VAL E 458 32.56 -4.63 -39.72
C VAL E 458 32.91 -5.81 -40.61
N VAL E 459 33.36 -6.92 -40.01
CA VAL E 459 33.72 -8.09 -40.81
C VAL E 459 32.47 -8.69 -41.45
N SER E 460 31.36 -8.76 -40.70
CA SER E 460 30.13 -9.30 -41.27
C SER E 460 29.67 -8.48 -42.47
N LEU E 461 29.89 -7.16 -42.44
CA LEU E 461 29.49 -6.30 -43.56
C LEU E 461 30.44 -6.46 -44.74
N VAL E 462 31.75 -6.54 -44.47
CA VAL E 462 32.71 -6.43 -45.57
C VAL E 462 32.95 -7.78 -46.22
N LEU E 463 32.82 -8.88 -45.47
CA LEU E 463 33.07 -10.20 -46.02
C LEU E 463 32.23 -10.51 -47.25
N PRO E 464 30.91 -10.29 -47.24
CA PRO E 464 30.15 -10.48 -48.48
C PRO E 464 30.69 -9.64 -49.63
N ILE E 465 31.17 -8.43 -49.34
CA ILE E 465 31.88 -7.65 -50.35
C ILE E 465 33.24 -8.28 -50.65
N CYS E 466 33.87 -8.91 -49.66
CA CYS E 466 35.16 -9.58 -49.85
C CYS E 466 34.94 -10.88 -50.61
N ARG E 467 34.67 -10.73 -51.91
CA ARG E 467 34.33 -11.90 -52.72
C ARG E 467 35.59 -12.59 -53.24
N ASP E 468 36.48 -11.85 -53.89
CA ASP E 468 37.65 -12.46 -54.52
C ASP E 468 38.95 -11.74 -54.17
N SER E 469 38.87 -10.44 -53.91
CA SER E 469 40.05 -9.61 -53.65
C SER E 469 40.18 -9.27 -52.17
N CYS E 470 39.77 -10.18 -51.28
CA CYS E 470 39.74 -9.90 -49.85
C CYS E 470 39.42 -11.19 -49.10
N TRP E 471 40.04 -11.35 -47.94
CA TRP E 471 39.90 -12.59 -47.17
C TRP E 471 40.23 -12.31 -45.71
N ILE E 472 39.70 -13.16 -44.83
CA ILE E 472 39.98 -13.10 -43.40
C ILE E 472 39.98 -14.52 -42.86
N HIS E 473 40.79 -14.75 -41.83
CA HIS E 473 40.90 -16.08 -41.26
C HIS E 473 39.58 -16.46 -40.56
N PRO E 474 39.05 -17.67 -40.79
CA PRO E 474 37.83 -18.07 -40.08
C PRO E 474 37.97 -18.03 -38.57
N ALA E 475 39.14 -18.37 -38.05
CA ALA E 475 39.35 -18.34 -36.61
C ALA E 475 39.17 -16.92 -36.05
N LEU E 476 39.70 -15.93 -36.76
CA LEU E 476 39.51 -14.55 -36.33
C LEU E 476 38.04 -14.15 -36.39
N PHE E 477 37.32 -14.63 -37.41
CA PHE E 477 35.90 -14.34 -37.49
C PHE E 477 35.14 -14.93 -36.31
N ASP E 478 35.47 -16.18 -35.94
CA ASP E 478 34.84 -16.79 -34.78
C ASP E 478 35.20 -16.06 -33.49
N PHE E 479 36.46 -15.60 -33.39
CA PHE E 479 36.86 -14.83 -32.22
C PHE E 479 36.07 -13.54 -32.11
N PHE E 480 35.86 -12.85 -33.24
CA PHE E 480 35.03 -11.64 -33.24
C PHE E 480 33.60 -11.98 -32.86
N THR E 481 33.09 -13.11 -33.36
CA THR E 481 31.74 -13.53 -33.00
C THR E 481 31.60 -13.71 -31.50
N TRP E 482 32.59 -14.37 -30.88
CA TRP E 482 32.52 -14.61 -29.44
C TRP E 482 32.74 -13.33 -28.65
N LEU E 483 33.57 -12.42 -29.16
CA LEU E 483 33.71 -11.12 -28.52
C LEU E 483 32.38 -10.36 -28.52
N GLY E 484 31.67 -10.40 -29.65
CA GLY E 484 30.35 -9.80 -29.70
C GLY E 484 29.37 -10.47 -28.75
N TYR E 485 29.41 -11.81 -28.69
CA TYR E 485 28.56 -12.53 -27.76
C TYR E 485 28.85 -12.13 -26.32
N LEU E 486 30.11 -11.82 -26.01
CA LEU E 486 30.47 -11.41 -24.66
C LEU E 486 29.75 -10.13 -24.23
N ASN E 487 29.22 -9.37 -25.19
CA ASN E 487 28.42 -8.21 -24.83
C ASN E 487 27.21 -8.61 -23.98
N SER E 488 26.65 -9.79 -24.22
CA SER E 488 25.52 -10.25 -23.41
C SER E 488 25.93 -10.39 -21.95
N LEU E 489 27.10 -10.98 -21.69
CA LEU E 489 27.60 -11.08 -20.32
C LEU E 489 27.91 -9.71 -19.75
N ILE E 490 28.51 -8.83 -20.56
CA ILE E 490 28.97 -7.54 -20.06
C ILE E 490 27.79 -6.64 -19.71
N ASN E 491 26.70 -6.72 -20.46
CA ASN E 491 25.61 -5.75 -20.28
C ASN E 491 25.05 -5.73 -18.88
N PRO E 492 24.64 -6.86 -18.27
CA PRO E 492 24.05 -6.78 -16.93
C PRO E 492 24.98 -6.15 -15.90
N ILE E 493 26.28 -6.48 -15.95
CA ILE E 493 27.22 -5.94 -14.97
C ILE E 493 27.25 -4.41 -15.07
N ILE E 494 27.40 -3.89 -16.29
CA ILE E 494 27.49 -2.45 -16.48
C ILE E 494 26.17 -1.79 -16.08
N TYR E 495 25.04 -2.37 -16.48
CA TYR E 495 23.75 -1.71 -16.30
C TYR E 495 23.19 -1.87 -14.90
N THR E 496 23.78 -2.73 -14.05
CA THR E 496 23.30 -2.90 -12.69
C THR E 496 24.30 -2.47 -11.62
N VAL E 497 25.60 -2.60 -11.87
CA VAL E 497 26.59 -2.28 -10.83
C VAL E 497 26.58 -0.78 -10.52
N PHE E 498 26.47 0.05 -11.55
CA PHE E 498 26.55 1.50 -11.36
C PHE E 498 25.29 2.08 -10.71
N ASN E 499 24.23 1.30 -10.58
CA ASN E 499 22.99 1.77 -9.98
C ASN E 499 22.95 1.35 -8.51
N GLU E 500 22.67 2.32 -7.63
CA GLU E 500 22.63 2.04 -6.20
C GLU E 500 21.54 1.04 -5.87
N GLU E 501 20.36 1.19 -6.49
CA GLU E 501 19.24 0.30 -6.19
C GLU E 501 19.56 -1.13 -6.57
N PHE E 502 20.18 -1.33 -7.75
CA PHE E 502 20.52 -2.68 -8.17
C PHE E 502 21.53 -3.31 -7.23
N ARG E 503 22.55 -2.55 -6.82
CA ARG E 503 23.54 -3.09 -5.89
C ARG E 503 22.91 -3.44 -4.54
N GLN E 504 22.01 -2.58 -4.06
CA GLN E 504 21.32 -2.88 -2.80
C GLN E 504 20.48 -4.14 -2.93
N ALA E 505 19.78 -4.30 -4.06
CA ALA E 505 19.00 -5.51 -4.28
C ALA E 505 19.89 -6.75 -4.32
N PHE E 506 21.04 -6.65 -5.00
CA PHE E 506 21.97 -7.78 -5.04
C PHE E 506 22.45 -8.13 -3.65
N GLN E 507 22.79 -7.13 -2.84
CA GLN E 507 23.22 -7.38 -1.48
C GLN E 507 22.11 -8.05 -0.67
N LYS E 508 20.86 -7.59 -0.85
CA LYS E 508 19.74 -8.21 -0.16
C LYS E 508 19.58 -9.67 -0.56
N ILE E 509 19.73 -9.97 -1.85
CA ILE E 509 19.56 -11.35 -2.31
C ILE E 509 20.60 -12.26 -1.68
N VAL E 510 21.85 -11.81 -1.65
CA VAL E 510 22.93 -12.57 -1.04
C VAL E 510 23.57 -11.78 0.10
#